data_2EPC
#
_entry.id   2EPC
#
loop_
_entity.id
_entity.type
_entity.pdbx_description
1 polymer 'Zinc finger protein 32'
2 non-polymer 'ZINC ION'
#
_entity_poly.entity_id   1
_entity_poly.type   'polypeptide(L)'
_entity_poly.pdbx_seq_one_letter_code
;GSSGSSGGETPYLCGQCGKSFTQRGSLAVHQRSCSQSGPSSG
;
_entity_poly.pdbx_strand_id   A
#
loop_
_chem_comp.id
_chem_comp.type
_chem_comp.name
_chem_comp.formula
ZN non-polymer 'ZINC ION' 'Zn 2'
#
# COMPACT_ATOMS: atom_id res chain seq x y z
N GLY A 1 14.42 1.69 16.77
CA GLY A 1 15.36 2.79 16.62
C GLY A 1 15.02 3.69 15.46
N SER A 2 13.82 4.27 15.49
CA SER A 2 13.37 5.16 14.43
C SER A 2 13.93 6.57 14.62
N SER A 3 14.07 7.29 13.51
CA SER A 3 14.59 8.66 13.56
C SER A 3 14.44 9.34 12.21
N GLY A 4 13.94 10.57 12.23
CA GLY A 4 13.76 11.31 10.99
C GLY A 4 12.65 10.74 10.13
N SER A 5 11.50 10.48 10.74
CA SER A 5 10.37 9.93 10.02
C SER A 5 9.49 11.04 9.44
N SER A 6 9.20 10.93 8.15
CA SER A 6 8.37 11.92 7.47
C SER A 6 7.08 11.30 6.94
N GLY A 7 6.27 10.79 7.86
CA GLY A 7 5.01 10.16 7.47
C GLY A 7 3.81 11.06 7.73
N GLY A 8 2.63 10.56 7.41
CA GLY A 8 1.41 11.34 7.62
C GLY A 8 0.21 10.75 6.90
N GLU A 9 -0.44 11.57 6.08
CA GLU A 9 -1.61 11.12 5.34
C GLU A 9 -1.31 11.04 3.84
N THR A 10 -0.05 10.77 3.52
CA THR A 10 0.37 10.67 2.13
C THR A 10 -0.28 9.48 1.44
N PRO A 11 -0.28 9.49 0.10
CA PRO A 11 -0.88 8.42 -0.71
C PRO A 11 -0.42 7.04 -0.26
N TYR A 12 -1.26 6.04 -0.49
CA TYR A 12 -0.95 4.67 -0.10
C TYR A 12 -0.69 3.81 -1.34
N LEU A 13 0.02 2.69 -1.13
CA LEU A 13 0.33 1.77 -2.23
C LEU A 13 0.55 0.36 -1.70
N CYS A 14 -0.12 -0.61 -2.32
CA CYS A 14 0.02 -2.00 -1.92
C CYS A 14 1.37 -2.57 -2.34
N GLY A 15 1.98 -3.36 -1.46
CA GLY A 15 3.27 -3.95 -1.76
C GLY A 15 3.14 -5.34 -2.35
N GLN A 16 2.00 -5.63 -2.96
CA GLN A 16 1.77 -6.94 -3.55
C GLN A 16 1.29 -6.80 -5.00
N CYS A 17 0.44 -5.81 -5.25
CA CYS A 17 -0.09 -5.57 -6.58
C CYS A 17 0.34 -4.20 -7.09
N GLY A 18 0.34 -3.21 -6.21
CA GLY A 18 0.74 -1.87 -6.59
C GLY A 18 -0.45 -0.95 -6.79
N LYS A 19 -1.55 -1.26 -6.10
CA LYS A 19 -2.77 -0.46 -6.20
C LYS A 19 -2.70 0.75 -5.26
N SER A 20 -3.35 1.84 -5.65
CA SER A 20 -3.36 3.06 -4.85
C SER A 20 -4.66 3.16 -4.06
N PHE A 21 -4.57 3.72 -2.85
CA PHE A 21 -5.73 3.88 -1.98
C PHE A 21 -5.72 5.25 -1.32
N THR A 22 -6.90 5.73 -0.92
CA THR A 22 -7.03 7.01 -0.27
C THR A 22 -7.24 6.85 1.23
N GLN A 23 -7.86 5.75 1.63
CA GLN A 23 -8.12 5.47 3.03
C GLN A 23 -7.09 4.49 3.59
N ARG A 24 -6.74 4.66 4.86
CA ARG A 24 -5.77 3.79 5.51
C ARG A 24 -6.35 2.39 5.69
N GLY A 25 -7.51 2.30 6.34
CA GLY A 25 -8.13 1.02 6.56
C GLY A 25 -8.32 0.22 5.28
N SER A 26 -8.54 0.93 4.18
CA SER A 26 -8.73 0.28 2.88
C SER A 26 -7.51 -0.55 2.50
N LEU A 27 -6.33 0.03 2.71
CA LEU A 27 -5.08 -0.66 2.38
C LEU A 27 -4.89 -1.89 3.25
N ALA A 28 -5.28 -1.78 4.51
CA ALA A 28 -5.15 -2.90 5.45
C ALA A 28 -6.10 -4.02 5.08
N VAL A 29 -7.38 -3.71 4.96
CA VAL A 29 -8.39 -4.70 4.60
C VAL A 29 -8.06 -5.38 3.28
N HIS A 30 -7.41 -4.63 2.39
CA HIS A 30 -7.04 -5.16 1.08
C HIS A 30 -5.92 -6.19 1.21
N GLN A 31 -4.94 -5.89 2.07
CA GLN A 31 -3.82 -6.79 2.28
C GLN A 31 -4.30 -8.17 2.73
N ARG A 32 -5.48 -8.21 3.35
CA ARG A 32 -6.05 -9.46 3.83
C ARG A 32 -6.27 -10.42 2.67
N SER A 33 -7.06 -10.00 1.70
CA SER A 33 -7.35 -10.83 0.53
C SER A 33 -6.18 -10.86 -0.43
N CYS A 34 -5.47 -9.74 -0.53
CA CYS A 34 -4.31 -9.65 -1.42
C CYS A 34 -3.13 -10.43 -0.85
N SER A 35 -3.14 -11.74 -1.05
CA SER A 35 -2.07 -12.60 -0.56
C SER A 35 -1.24 -13.14 -1.71
N GLN A 36 -1.91 -13.68 -2.72
CA GLN A 36 -1.23 -14.24 -3.88
C GLN A 36 -0.31 -15.39 -3.48
N SER A 37 -0.68 -16.08 -2.40
CA SER A 37 0.12 -17.19 -1.91
C SER A 37 -0.75 -18.44 -1.71
N GLY A 38 -0.23 -19.59 -2.09
CA GLY A 38 -0.97 -20.83 -1.95
C GLY A 38 -0.91 -21.38 -0.54
N PRO A 39 -1.62 -22.49 -0.29
CA PRO A 39 -1.66 -23.14 1.02
C PRO A 39 -0.27 -23.37 1.59
N SER A 40 0.06 -22.64 2.66
CA SER A 40 1.36 -22.77 3.30
C SER A 40 1.25 -23.54 4.62
N SER A 41 2.33 -24.21 4.99
CA SER A 41 2.36 -24.99 6.23
C SER A 41 3.38 -24.41 7.21
N GLY A 42 3.33 -24.90 8.45
CA GLY A 42 4.25 -24.43 9.46
C GLY A 42 5.70 -24.56 9.03
ZN ZN B . -2.79 -5.55 -3.27
N GLY A 1 24.78 16.37 -1.78
CA GLY A 1 24.25 16.91 -0.54
C GLY A 1 23.24 15.99 0.10
N SER A 2 22.38 16.54 0.95
CA SER A 2 21.36 15.76 1.64
C SER A 2 20.02 16.50 1.64
N SER A 3 18.97 15.81 1.22
CA SER A 3 17.64 16.40 1.18
C SER A 3 16.57 15.32 1.05
N GLY A 4 15.69 15.25 2.05
CA GLY A 4 14.63 14.26 2.03
C GLY A 4 14.04 14.02 3.41
N SER A 5 13.14 14.91 3.83
CA SER A 5 12.51 14.80 5.14
C SER A 5 11.25 13.95 5.05
N SER A 6 10.69 13.62 6.22
CA SER A 6 9.48 12.80 6.27
C SER A 6 8.65 13.15 7.51
N GLY A 7 7.33 13.07 7.36
CA GLY A 7 6.44 13.37 8.47
C GLY A 7 5.13 13.98 8.01
N GLY A 8 4.54 13.39 6.98
CA GLY A 8 3.28 13.90 6.46
C GLY A 8 2.35 12.79 6.00
N GLU A 9 1.34 13.16 5.22
CA GLU A 9 0.39 12.18 4.70
C GLU A 9 0.46 12.09 3.18
N THR A 10 1.08 11.04 2.69
CA THR A 10 1.23 10.84 1.25
C THR A 10 0.40 9.65 0.77
N PRO A 11 0.15 9.60 -0.53
CA PRO A 11 -0.64 8.52 -1.15
C PRO A 11 -0.17 7.13 -0.70
N TYR A 12 -1.11 6.19 -0.63
CA TYR A 12 -0.79 4.84 -0.22
C TYR A 12 -0.63 3.91 -1.43
N LEU A 13 0.06 2.80 -1.22
CA LEU A 13 0.28 1.84 -2.30
C LEU A 13 0.53 0.44 -1.73
N CYS A 14 -0.19 -0.54 -2.29
CA CYS A 14 -0.05 -1.93 -1.84
C CYS A 14 1.32 -2.49 -2.23
N GLY A 15 1.91 -3.25 -1.32
CA GLY A 15 3.21 -3.84 -1.59
C GLY A 15 3.10 -5.25 -2.13
N GLN A 16 1.99 -5.55 -2.78
CA GLN A 16 1.76 -6.88 -3.35
C GLN A 16 1.31 -6.78 -4.80
N CYS A 17 0.43 -5.82 -5.08
CA CYS A 17 -0.09 -5.62 -6.42
C CYS A 17 0.31 -4.26 -6.96
N GLY A 18 0.33 -3.26 -6.08
CA GLY A 18 0.69 -1.91 -6.49
C GLY A 18 -0.51 -1.02 -6.70
N LYS A 19 -1.61 -1.34 -6.03
CA LYS A 19 -2.84 -0.56 -6.14
C LYS A 19 -2.79 0.67 -5.25
N SER A 20 -3.46 1.73 -5.69
CA SER A 20 -3.48 2.98 -4.92
C SER A 20 -4.76 3.10 -4.11
N PHE A 21 -4.66 3.73 -2.95
CA PHE A 21 -5.81 3.90 -2.06
C PHE A 21 -5.84 5.31 -1.48
N THR A 22 -6.90 5.61 -0.74
CA THR A 22 -7.05 6.93 -0.13
C THR A 22 -7.05 6.83 1.39
N GLN A 23 -7.72 5.81 1.92
CA GLN A 23 -7.78 5.60 3.36
C GLN A 23 -6.93 4.41 3.79
N ARG A 24 -6.19 4.57 4.88
CA ARG A 24 -5.33 3.52 5.39
C ARG A 24 -6.11 2.23 5.62
N GLY A 25 -7.38 2.38 6.00
CA GLY A 25 -8.22 1.22 6.24
C GLY A 25 -8.37 0.35 5.01
N SER A 26 -8.67 0.97 3.88
CA SER A 26 -8.85 0.23 2.63
C SER A 26 -7.62 -0.60 2.30
N LEU A 27 -6.44 -0.05 2.62
CA LEU A 27 -5.19 -0.74 2.36
C LEU A 27 -5.04 -1.97 3.26
N ALA A 28 -5.47 -1.83 4.51
CA ALA A 28 -5.39 -2.93 5.46
C ALA A 28 -6.31 -4.07 5.06
N VAL A 29 -7.61 -3.77 4.96
CA VAL A 29 -8.60 -4.77 4.59
C VAL A 29 -8.24 -5.42 3.25
N HIS A 30 -7.51 -4.69 2.42
CA HIS A 30 -7.11 -5.18 1.11
C HIS A 30 -5.98 -6.21 1.25
N GLN A 31 -4.97 -5.86 2.03
CA GLN A 31 -3.82 -6.73 2.24
C GLN A 31 -4.27 -8.09 2.77
N ARG A 32 -5.42 -8.11 3.45
CA ARG A 32 -5.96 -9.35 4.01
C ARG A 32 -6.20 -10.38 2.91
N SER A 33 -6.93 -9.98 1.88
CA SER A 33 -7.23 -10.87 0.76
C SER A 33 -6.09 -10.87 -0.26
N CYS A 34 -5.37 -9.76 -0.34
CA CYS A 34 -4.25 -9.64 -1.27
C CYS A 34 -3.08 -10.52 -0.83
N SER A 35 -2.88 -11.62 -1.56
CA SER A 35 -1.81 -12.55 -1.24
C SER A 35 -1.41 -13.35 -2.49
N GLN A 36 -0.16 -13.80 -2.52
CA GLN A 36 0.34 -14.57 -3.64
C GLN A 36 1.19 -15.75 -3.16
N SER A 37 0.82 -16.95 -3.59
CA SER A 37 1.54 -18.16 -3.20
C SER A 37 2.46 -18.63 -4.32
N GLY A 38 3.31 -17.73 -4.81
CA GLY A 38 4.22 -18.09 -5.88
C GLY A 38 5.64 -17.67 -5.57
N PRO A 39 6.54 -17.88 -6.55
CA PRO A 39 7.96 -17.53 -6.40
C PRO A 39 8.20 -16.03 -6.40
N SER A 40 8.62 -15.50 -5.25
CA SER A 40 8.88 -14.07 -5.11
C SER A 40 10.38 -13.80 -4.99
N SER A 41 10.93 -13.08 -5.97
CA SER A 41 12.35 -12.76 -5.96
C SER A 41 12.58 -11.33 -6.46
N GLY A 42 13.73 -10.77 -6.11
CA GLY A 42 14.05 -9.41 -6.52
C GLY A 42 13.35 -8.37 -5.68
ZN ZN B . -2.81 -5.51 -3.14
N GLY A 1 13.11 26.15 2.68
CA GLY A 1 13.53 27.00 1.59
C GLY A 1 13.52 26.28 0.26
N SER A 2 12.66 25.27 0.13
CA SER A 2 12.56 24.50 -1.10
C SER A 2 11.10 24.27 -1.47
N SER A 3 10.76 24.56 -2.73
CA SER A 3 9.40 24.39 -3.22
C SER A 3 8.97 22.92 -3.13
N GLY A 4 7.66 22.69 -3.11
CA GLY A 4 7.15 21.34 -3.04
C GLY A 4 5.74 21.29 -2.45
N SER A 5 5.06 20.18 -2.67
CA SER A 5 3.70 20.00 -2.17
C SER A 5 3.67 19.02 -1.00
N SER A 6 3.65 19.56 0.21
CA SER A 6 3.61 18.73 1.41
C SER A 6 2.28 18.85 2.12
N GLY A 7 1.81 17.74 2.68
CA GLY A 7 0.54 17.74 3.38
C GLY A 7 0.24 16.41 4.04
N GLY A 8 0.74 16.22 5.26
CA GLY A 8 0.50 14.98 5.98
C GLY A 8 1.39 13.86 5.48
N GLU A 9 0.80 12.94 4.72
CA GLU A 9 1.55 11.81 4.19
C GLU A 9 1.17 11.54 2.74
N THR A 10 2.13 11.05 1.96
CA THR A 10 1.89 10.75 0.56
C THR A 10 0.88 9.63 0.39
N PRO A 11 0.30 9.52 -0.82
CA PRO A 11 -0.69 8.49 -1.15
C PRO A 11 -0.24 7.11 -0.71
N TYR A 12 -1.20 6.19 -0.59
CA TYR A 12 -0.90 4.82 -0.18
C TYR A 12 -0.69 3.92 -1.40
N LEU A 13 -0.01 2.80 -1.18
CA LEU A 13 0.27 1.86 -2.25
C LEU A 13 0.48 0.45 -1.71
N CYS A 14 -0.10 -0.54 -2.38
CA CYS A 14 0.03 -1.93 -1.96
C CYS A 14 1.38 -2.49 -2.35
N GLY A 15 1.97 -3.28 -1.46
CA GLY A 15 3.27 -3.88 -1.73
C GLY A 15 3.16 -5.27 -2.31
N GLN A 16 2.03 -5.55 -2.97
CA GLN A 16 1.81 -6.86 -3.56
C GLN A 16 1.36 -6.73 -5.01
N CYS A 17 0.48 -5.76 -5.27
CA CYS A 17 -0.02 -5.53 -6.61
C CYS A 17 0.40 -4.15 -7.13
N GLY A 18 0.41 -3.17 -6.24
CA GLY A 18 0.81 -1.83 -6.61
C GLY A 18 -0.39 -0.92 -6.84
N LYS A 19 -1.49 -1.21 -6.17
CA LYS A 19 -2.71 -0.42 -6.30
C LYS A 19 -2.70 0.76 -5.34
N SER A 20 -3.36 1.85 -5.73
CA SER A 20 -3.42 3.05 -4.90
C SER A 20 -4.71 3.09 -4.09
N PHE A 21 -4.70 3.85 -3.01
CA PHE A 21 -5.86 3.97 -2.15
C PHE A 21 -5.90 5.34 -1.47
N THR A 22 -7.02 5.66 -0.82
CA THR A 22 -7.18 6.92 -0.14
C THR A 22 -7.67 6.72 1.29
N GLN A 23 -7.37 5.56 1.86
CA GLN A 23 -7.78 5.24 3.22
C GLN A 23 -6.86 4.19 3.83
N ARG A 24 -6.40 4.45 5.05
CA ARG A 24 -5.51 3.52 5.74
C ARG A 24 -6.18 2.17 5.95
N GLY A 25 -7.46 2.21 6.33
CA GLY A 25 -8.20 0.98 6.56
C GLY A 25 -8.40 0.18 5.29
N SER A 26 -8.53 0.88 4.16
CA SER A 26 -8.72 0.23 2.87
C SER A 26 -7.49 -0.58 2.48
N LEU A 27 -6.32 -0.01 2.71
CA LEU A 27 -5.07 -0.69 2.38
C LEU A 27 -4.90 -1.97 3.20
N ALA A 28 -5.34 -1.91 4.45
CA ALA A 28 -5.25 -3.06 5.34
C ALA A 28 -6.18 -4.19 4.89
N VAL A 29 -7.47 -3.89 4.85
CA VAL A 29 -8.46 -4.88 4.44
C VAL A 29 -8.12 -5.48 3.08
N HIS A 30 -7.41 -4.70 2.25
CA HIS A 30 -7.01 -5.15 0.93
C HIS A 30 -5.88 -6.17 1.02
N GLN A 31 -4.85 -5.85 1.80
CA GLN A 31 -3.72 -6.73 1.98
C GLN A 31 -4.17 -8.11 2.47
N ARG A 32 -5.30 -8.15 3.16
CA ARG A 32 -5.84 -9.39 3.68
C ARG A 32 -6.11 -10.39 2.55
N SER A 33 -6.93 -9.98 1.59
CA SER A 33 -7.27 -10.83 0.46
C SER A 33 -6.14 -10.84 -0.57
N CYS A 34 -5.46 -9.72 -0.71
CA CYS A 34 -4.35 -9.60 -1.65
C CYS A 34 -3.27 -10.64 -1.37
N SER A 35 -3.19 -11.07 -0.11
CA SER A 35 -2.20 -12.06 0.30
C SER A 35 -2.85 -13.43 0.44
N GLN A 36 -3.81 -13.73 -0.43
CA GLN A 36 -4.50 -15.01 -0.41
C GLN A 36 -4.06 -15.90 -1.57
N SER A 37 -4.14 -15.36 -2.78
CA SER A 37 -3.75 -16.10 -3.97
C SER A 37 -2.23 -16.20 -4.08
N GLY A 38 -1.77 -16.85 -5.14
CA GLY A 38 -0.33 -17.01 -5.33
C GLY A 38 0.00 -18.14 -6.28
N PRO A 39 1.30 -18.41 -6.46
CA PRO A 39 1.78 -19.48 -7.35
C PRO A 39 1.54 -20.87 -6.77
N SER A 40 0.36 -21.43 -7.05
CA SER A 40 0.00 -22.75 -6.56
C SER A 40 -0.79 -23.53 -7.61
N SER A 41 -0.95 -24.83 -7.38
CA SER A 41 -1.69 -25.68 -8.30
C SER A 41 -3.18 -25.35 -8.27
N GLY A 42 -3.81 -25.60 -7.13
CA GLY A 42 -5.23 -25.34 -6.98
C GLY A 42 -5.87 -26.16 -5.89
ZN ZN B . -2.77 -5.43 -3.40
N GLY A 1 18.11 21.37 8.47
CA GLY A 1 17.60 21.36 9.83
C GLY A 1 16.10 21.15 9.88
N SER A 2 15.46 21.64 10.94
CA SER A 2 14.02 21.49 11.11
C SER A 2 13.29 22.73 10.59
N SER A 3 12.77 22.64 9.36
CA SER A 3 12.05 23.74 8.75
C SER A 3 10.57 23.70 9.11
N GLY A 4 9.92 22.59 8.77
CA GLY A 4 8.51 22.43 9.06
C GLY A 4 8.12 20.98 9.28
N SER A 5 7.27 20.75 10.28
CA SER A 5 6.82 19.39 10.59
C SER A 5 5.40 19.16 10.08
N SER A 6 5.28 18.98 8.76
CA SER A 6 3.99 18.75 8.14
C SER A 6 3.39 17.43 8.60
N GLY A 7 4.22 16.39 8.62
CA GLY A 7 3.75 15.08 9.05
C GLY A 7 4.23 13.97 8.13
N GLY A 8 3.51 13.77 7.02
CA GLY A 8 3.88 12.73 6.08
C GLY A 8 2.68 11.94 5.59
N GLU A 9 1.61 12.66 5.22
CA GLU A 9 0.40 12.00 4.75
C GLU A 9 0.40 11.90 3.22
N THR A 10 1.16 10.94 2.71
CA THR A 10 1.26 10.73 1.28
C THR A 10 0.42 9.55 0.83
N PRO A 11 0.11 9.47 -0.48
CA PRO A 11 -0.67 8.39 -1.06
C PRO A 11 -0.19 7.02 -0.62
N TYR A 12 -1.08 6.04 -0.65
CA TYR A 12 -0.75 4.68 -0.25
C TYR A 12 -0.57 3.77 -1.48
N LEU A 13 0.13 2.66 -1.29
CA LEU A 13 0.37 1.72 -2.37
C LEU A 13 0.62 0.32 -1.82
N CYS A 14 -0.12 -0.66 -2.34
CA CYS A 14 0.02 -2.05 -1.91
C CYS A 14 1.37 -2.61 -2.32
N GLY A 15 2.00 -3.35 -1.43
CA GLY A 15 3.30 -3.94 -1.71
C GLY A 15 3.19 -5.35 -2.25
N GLN A 16 2.06 -5.66 -2.88
CA GLN A 16 1.83 -6.98 -3.44
C GLN A 16 1.35 -6.89 -4.89
N CYS A 17 0.48 -5.92 -5.15
CA CYS A 17 -0.05 -5.72 -6.49
C CYS A 17 0.35 -4.36 -7.04
N GLY A 18 0.36 -3.35 -6.17
CA GLY A 18 0.72 -2.01 -6.59
C GLY A 18 -0.49 -1.12 -6.80
N LYS A 19 -1.57 -1.40 -6.08
CA LYS A 19 -2.79 -0.62 -6.20
C LYS A 19 -2.74 0.61 -5.30
N SER A 20 -3.40 1.68 -5.74
CA SER A 20 -3.43 2.92 -4.98
C SER A 20 -4.70 3.02 -4.14
N PHE A 21 -4.61 3.75 -3.03
CA PHE A 21 -5.75 3.92 -2.14
C PHE A 21 -5.81 5.34 -1.59
N THR A 22 -6.83 5.61 -0.78
CA THR A 22 -6.99 6.94 -0.18
C THR A 22 -7.06 6.85 1.33
N GLN A 23 -7.82 5.87 1.83
CA GLN A 23 -7.97 5.69 3.27
C GLN A 23 -6.97 4.67 3.79
N ARG A 24 -6.76 4.66 5.11
CA ARG A 24 -5.82 3.73 5.73
C ARG A 24 -6.43 2.34 5.84
N GLY A 25 -7.60 2.25 6.46
CA GLY A 25 -8.27 0.97 6.62
C GLY A 25 -8.45 0.25 5.29
N SER A 26 -8.54 1.01 4.21
CA SER A 26 -8.73 0.44 2.88
C SER A 26 -7.54 -0.43 2.50
N LEU A 27 -6.34 0.07 2.76
CA LEU A 27 -5.12 -0.66 2.44
C LEU A 27 -5.01 -1.93 3.28
N ALA A 28 -5.42 -1.84 4.53
CA ALA A 28 -5.37 -2.98 5.44
C ALA A 28 -6.36 -4.06 5.01
N VAL A 29 -7.62 -3.69 4.92
CA VAL A 29 -8.66 -4.64 4.51
C VAL A 29 -8.32 -5.31 3.19
N HIS A 30 -7.54 -4.62 2.37
CA HIS A 30 -7.13 -5.14 1.07
C HIS A 30 -6.07 -6.23 1.24
N GLN A 31 -5.06 -5.95 2.04
CA GLN A 31 -3.98 -6.90 2.28
C GLN A 31 -4.52 -8.19 2.92
N ARG A 32 -5.64 -8.07 3.62
CA ARG A 32 -6.27 -9.21 4.26
C ARG A 32 -6.59 -10.31 3.25
N SER A 33 -6.79 -9.90 2.00
CA SER A 33 -7.11 -10.84 0.93
C SER A 33 -5.99 -10.91 -0.09
N CYS A 34 -5.38 -9.76 -0.37
CA CYS A 34 -4.29 -9.69 -1.33
C CYS A 34 -3.20 -10.71 -1.00
N SER A 35 -2.73 -11.42 -2.03
CA SER A 35 -1.70 -12.43 -1.85
C SER A 35 -0.43 -12.05 -2.61
N GLN A 36 0.64 -12.81 -2.37
CA GLN A 36 1.91 -12.56 -3.04
C GLN A 36 2.15 -13.56 -4.17
N SER A 37 1.18 -13.66 -5.08
CA SER A 37 1.29 -14.58 -6.20
C SER A 37 1.96 -13.91 -7.40
N GLY A 38 2.96 -14.58 -7.95
CA GLY A 38 3.67 -14.04 -9.10
C GLY A 38 4.98 -14.77 -9.36
N PRO A 39 5.72 -14.31 -10.38
CA PRO A 39 7.00 -14.90 -10.77
C PRO A 39 8.10 -14.61 -9.76
N SER A 40 8.88 -15.62 -9.42
CA SER A 40 9.96 -15.47 -8.46
C SER A 40 11.32 -15.48 -9.17
N SER A 41 11.72 -14.32 -9.69
CA SER A 41 12.99 -14.21 -10.40
C SER A 41 13.79 -13.03 -9.87
N GLY A 42 13.35 -11.81 -10.20
CA GLY A 42 14.03 -10.62 -9.75
C GLY A 42 14.07 -10.50 -8.24
ZN ZN B . -2.83 -5.57 -3.23
N GLY A 1 10.01 29.70 0.74
CA GLY A 1 9.44 28.68 1.60
C GLY A 1 10.19 27.36 1.51
N SER A 2 11.43 27.35 1.98
CA SER A 2 12.25 26.15 1.94
C SER A 2 11.93 25.24 3.12
N SER A 3 12.24 25.72 4.33
CA SER A 3 11.98 24.94 5.54
C SER A 3 10.50 24.62 5.69
N GLY A 4 10.19 23.34 5.79
CA GLY A 4 8.81 22.91 5.93
C GLY A 4 8.64 21.41 5.79
N SER A 5 8.31 20.75 6.90
CA SER A 5 8.13 19.30 6.90
C SER A 5 6.71 18.93 7.34
N SER A 6 5.73 19.44 6.60
CA SER A 6 4.33 19.17 6.92
C SER A 6 4.00 17.69 6.71
N GLY A 7 3.67 17.00 7.81
CA GLY A 7 3.34 15.59 7.72
C GLY A 7 1.86 15.33 7.90
N GLY A 8 1.30 14.49 7.04
CA GLY A 8 -0.11 14.17 7.12
C GLY A 8 -0.47 12.91 6.34
N GLU A 9 -1.75 12.77 6.02
CA GLU A 9 -2.22 11.62 5.27
C GLU A 9 -1.76 11.68 3.81
N THR A 10 -0.84 10.80 3.45
CA THR A 10 -0.31 10.76 2.09
C THR A 10 -0.81 9.51 1.34
N PRO A 11 -0.71 9.56 0.01
CA PRO A 11 -1.14 8.44 -0.85
C PRO A 11 -0.61 7.10 -0.37
N TYR A 12 -1.35 6.03 -0.64
CA TYR A 12 -0.95 4.70 -0.24
C TYR A 12 -0.74 3.81 -1.45
N LEU A 13 0.02 2.72 -1.26
CA LEU A 13 0.30 1.78 -2.34
C LEU A 13 0.61 0.39 -1.79
N CYS A 14 -0.13 -0.61 -2.26
CA CYS A 14 0.06 -1.98 -1.82
C CYS A 14 1.43 -2.49 -2.25
N GLY A 15 2.10 -3.22 -1.36
CA GLY A 15 3.40 -3.76 -1.67
C GLY A 15 3.33 -5.18 -2.20
N GLN A 16 2.21 -5.52 -2.82
CA GLN A 16 2.02 -6.86 -3.37
C GLN A 16 1.52 -6.79 -4.81
N CYS A 17 0.63 -5.85 -5.08
CA CYS A 17 0.07 -5.69 -6.42
C CYS A 17 0.41 -4.31 -6.97
N GLY A 18 0.39 -3.30 -6.11
CA GLY A 18 0.70 -1.95 -6.53
C GLY A 18 -0.55 -1.10 -6.71
N LYS A 19 -1.61 -1.46 -5.99
CA LYS A 19 -2.87 -0.72 -6.09
C LYS A 19 -2.83 0.53 -5.23
N SER A 20 -3.55 1.56 -5.66
CA SER A 20 -3.60 2.83 -4.93
C SER A 20 -4.84 2.90 -4.05
N PHE A 21 -4.76 3.70 -2.99
CA PHE A 21 -5.87 3.87 -2.06
C PHE A 21 -5.91 5.28 -1.49
N THR A 22 -7.03 5.64 -0.89
CA THR A 22 -7.20 6.96 -0.30
C THR A 22 -7.33 6.88 1.22
N GLN A 23 -7.86 5.76 1.71
CA GLN A 23 -8.04 5.56 3.14
C GLN A 23 -7.03 4.55 3.68
N ARG A 24 -6.54 4.79 4.89
CA ARG A 24 -5.58 3.91 5.52
C ARG A 24 -6.20 2.55 5.82
N GLY A 25 -7.45 2.55 6.25
CA GLY A 25 -8.12 1.31 6.57
C GLY A 25 -8.31 0.42 5.35
N SER A 26 -8.36 1.04 4.17
CA SER A 26 -8.55 0.31 2.93
C SER A 26 -7.34 -0.60 2.65
N LEU A 27 -6.15 -0.03 2.73
CA LEU A 27 -4.92 -0.77 2.49
C LEU A 27 -4.88 -2.04 3.35
N ALA A 28 -5.16 -1.88 4.64
CA ALA A 28 -5.16 -3.00 5.57
C ALA A 28 -6.13 -4.08 5.12
N VAL A 29 -7.40 -3.71 5.00
CA VAL A 29 -8.45 -4.65 4.58
C VAL A 29 -8.06 -5.33 3.27
N HIS A 30 -7.42 -4.59 2.39
CA HIS A 30 -7.00 -5.12 1.10
C HIS A 30 -5.93 -6.20 1.27
N GLN A 31 -4.99 -5.95 2.17
CA GLN A 31 -3.92 -6.91 2.43
C GLN A 31 -4.48 -8.26 2.82
N ARG A 32 -5.69 -8.26 3.37
CA ARG A 32 -6.34 -9.50 3.80
C ARG A 32 -6.57 -10.42 2.60
N SER A 33 -7.26 -9.91 1.59
CA SER A 33 -7.54 -10.69 0.38
C SER A 33 -6.31 -10.78 -0.51
N CYS A 34 -5.54 -9.71 -0.56
CA CYS A 34 -4.34 -9.66 -1.38
C CYS A 34 -3.32 -10.69 -0.90
N SER A 35 -3.04 -11.67 -1.74
CA SER A 35 -2.08 -12.72 -1.40
C SER A 35 -0.75 -12.50 -2.12
N GLN A 36 0.20 -13.40 -1.91
CA GLN A 36 1.51 -13.30 -2.54
C GLN A 36 1.39 -13.41 -4.06
N SER A 37 2.32 -12.78 -4.77
CA SER A 37 2.32 -12.80 -6.22
C SER A 37 3.74 -12.79 -6.76
N GLY A 38 3.92 -13.36 -7.96
CA GLY A 38 5.23 -13.41 -8.57
C GLY A 38 5.91 -14.74 -8.37
N PRO A 39 7.20 -14.82 -8.76
CA PRO A 39 7.99 -16.06 -8.63
C PRO A 39 8.34 -16.36 -7.18
N SER A 40 8.36 -15.33 -6.35
CA SER A 40 8.69 -15.49 -4.94
C SER A 40 7.59 -16.23 -4.20
N SER A 41 7.98 -17.10 -3.27
CA SER A 41 7.02 -17.87 -2.50
C SER A 41 6.70 -17.19 -1.17
N GLY A 42 5.74 -17.73 -0.44
CA GLY A 42 5.36 -17.15 0.83
C GLY A 42 4.05 -17.72 1.35
ZN ZN B . -2.59 -5.69 -3.12
N GLY A 1 24.41 12.23 4.33
CA GLY A 1 23.20 13.03 4.40
C GLY A 1 21.95 12.21 4.14
N SER A 2 20.88 12.51 4.88
CA SER A 2 19.63 11.78 4.71
C SER A 2 18.51 12.73 4.26
N SER A 3 17.40 12.15 3.82
CA SER A 3 16.27 12.94 3.36
C SER A 3 14.95 12.26 3.72
N GLY A 4 13.84 12.97 3.52
CA GLY A 4 12.54 12.41 3.83
C GLY A 4 11.58 13.45 4.39
N SER A 5 10.53 13.75 3.63
CA SER A 5 9.55 14.74 4.06
C SER A 5 8.22 14.07 4.42
N SER A 6 8.15 13.52 5.63
CA SER A 6 6.95 12.84 6.09
C SER A 6 6.28 13.64 7.21
N GLY A 7 5.22 13.06 7.77
CA GLY A 7 4.50 13.74 8.85
C GLY A 7 2.99 13.54 8.75
N GLY A 8 2.43 13.94 7.62
CA GLY A 8 0.99 13.79 7.43
C GLY A 8 0.63 12.55 6.65
N GLU A 9 -0.63 12.44 6.27
CA GLU A 9 -1.10 11.27 5.51
C GLU A 9 -0.72 11.40 4.04
N THR A 10 0.06 10.45 3.55
CA THR A 10 0.50 10.45 2.16
C THR A 10 -0.11 9.27 1.40
N PRO A 11 -0.09 9.38 0.06
CA PRO A 11 -0.64 8.34 -0.82
C PRO A 11 -0.14 6.94 -0.44
N TYR A 12 -1.05 5.97 -0.48
CA TYR A 12 -0.70 4.59 -0.14
C TYR A 12 -0.48 3.76 -1.41
N LEU A 13 0.22 2.64 -1.25
CA LEU A 13 0.49 1.75 -2.37
C LEU A 13 0.73 0.32 -1.90
N CYS A 14 -0.10 -0.60 -2.36
CA CYS A 14 0.02 -2.00 -1.98
C CYS A 14 1.36 -2.58 -2.43
N GLY A 15 1.97 -3.40 -1.57
CA GLY A 15 3.25 -3.99 -1.90
C GLY A 15 3.10 -5.37 -2.51
N GLN A 16 1.95 -5.63 -3.12
CA GLN A 16 1.69 -6.92 -3.74
C GLN A 16 1.21 -6.74 -5.18
N CYS A 17 0.37 -5.73 -5.40
CA CYS A 17 -0.16 -5.45 -6.73
C CYS A 17 0.24 -4.06 -7.20
N GLY A 18 0.26 -3.11 -6.26
CA GLY A 18 0.64 -1.75 -6.60
C GLY A 18 -0.56 -0.84 -6.74
N LYS A 19 -1.65 -1.17 -6.05
CA LYS A 19 -2.87 -0.39 -6.11
C LYS A 19 -2.77 0.83 -5.20
N SER A 20 -3.41 1.93 -5.60
CA SER A 20 -3.40 3.15 -4.81
C SER A 20 -4.69 3.31 -4.03
N PHE A 21 -4.57 3.75 -2.77
CA PHE A 21 -5.72 3.95 -1.91
C PHE A 21 -5.69 5.32 -1.25
N THR A 22 -6.83 5.73 -0.71
CA THR A 22 -6.93 7.03 -0.05
C THR A 22 -7.05 6.87 1.46
N GLN A 23 -7.62 5.75 1.89
CA GLN A 23 -7.81 5.49 3.32
C GLN A 23 -6.93 4.32 3.76
N ARG A 24 -6.38 4.43 4.96
CA ARG A 24 -5.52 3.39 5.51
C ARG A 24 -6.31 2.10 5.75
N GLY A 25 -7.58 2.26 6.10
CA GLY A 25 -8.43 1.10 6.34
C GLY A 25 -8.61 0.24 5.11
N SER A 26 -8.67 0.88 3.95
CA SER A 26 -8.86 0.18 2.69
C SER A 26 -7.63 -0.67 2.35
N LEU A 27 -6.45 -0.09 2.57
CA LEU A 27 -5.20 -0.79 2.29
C LEU A 27 -5.08 -2.05 3.14
N ALA A 28 -5.45 -1.93 4.41
CA ALA A 28 -5.39 -3.06 5.33
C ALA A 28 -6.32 -4.18 4.89
N VAL A 29 -7.61 -3.88 4.81
CA VAL A 29 -8.61 -4.86 4.41
C VAL A 29 -8.24 -5.50 3.07
N HIS A 30 -7.50 -4.74 2.25
CA HIS A 30 -7.08 -5.24 0.94
C HIS A 30 -5.97 -6.28 1.08
N GLN A 31 -4.93 -5.92 1.83
CA GLN A 31 -3.80 -6.82 2.04
C GLN A 31 -4.26 -8.16 2.61
N ARG A 32 -5.39 -8.13 3.30
CA ARG A 32 -5.95 -9.35 3.89
C ARG A 32 -6.16 -10.43 2.83
N SER A 33 -6.76 -10.04 1.72
CA SER A 33 -7.03 -10.98 0.63
C SER A 33 -5.87 -10.99 -0.37
N CYS A 34 -5.39 -9.80 -0.72
CA CYS A 34 -4.30 -9.67 -1.66
C CYS A 34 -3.11 -10.54 -1.25
N SER A 35 -2.96 -10.74 0.06
CA SER A 35 -1.86 -11.55 0.59
C SER A 35 -1.96 -12.99 0.08
N GLN A 36 -1.00 -13.37 -0.76
CA GLN A 36 -0.99 -14.72 -1.32
C GLN A 36 -0.43 -15.72 -0.31
N SER A 37 0.63 -15.31 0.39
CA SER A 37 1.26 -16.17 1.38
C SER A 37 0.33 -16.43 2.56
N GLY A 38 0.15 -15.40 3.39
CA GLY A 38 -0.72 -15.52 4.55
C GLY A 38 -0.08 -14.96 5.81
N PRO A 39 -0.72 -15.22 6.96
CA PRO A 39 -0.24 -14.75 8.26
C PRO A 39 1.00 -15.52 8.73
N SER A 40 1.83 -14.85 9.52
CA SER A 40 3.05 -15.47 10.03
C SER A 40 3.05 -15.47 11.56
N SER A 41 2.87 -14.30 12.15
CA SER A 41 2.86 -14.16 13.60
C SER A 41 1.49 -13.71 14.09
N GLY A 42 1.18 -14.03 15.33
CA GLY A 42 -0.10 -13.66 15.91
C GLY A 42 0.00 -13.29 17.38
ZN ZN B . -2.79 -5.55 -3.41
N GLY A 1 11.93 7.71 -9.99
CA GLY A 1 13.32 7.44 -9.71
C GLY A 1 13.53 6.77 -8.37
N SER A 2 12.84 7.28 -7.34
CA SER A 2 12.96 6.74 -6.00
C SER A 2 11.69 7.02 -5.20
N SER A 3 11.49 6.24 -4.14
CA SER A 3 10.31 6.40 -3.29
C SER A 3 10.55 5.74 -1.93
N GLY A 4 10.32 6.52 -0.86
CA GLY A 4 10.51 5.99 0.48
C GLY A 4 9.57 6.64 1.49
N SER A 5 10.11 7.57 2.27
CA SER A 5 9.32 8.26 3.28
C SER A 5 9.46 9.77 3.14
N SER A 6 8.35 10.48 3.27
CA SER A 6 8.34 11.93 3.15
C SER A 6 7.05 12.52 3.71
N GLY A 7 7.19 13.50 4.61
CA GLY A 7 6.02 14.13 5.20
C GLY A 7 5.39 13.27 6.27
N GLY A 8 4.08 13.05 6.15
CA GLY A 8 3.37 12.25 7.13
C GLY A 8 2.23 11.46 6.52
N GLU A 9 1.18 12.16 6.11
CA GLU A 9 0.02 11.52 5.50
C GLU A 9 0.12 11.55 3.98
N THR A 10 0.94 10.67 3.43
CA THR A 10 1.13 10.58 2.00
C THR A 10 0.36 9.41 1.41
N PRO A 11 0.13 9.45 0.09
CA PRO A 11 -0.59 8.40 -0.63
C PRO A 11 -0.09 7.00 -0.28
N TYR A 12 -0.98 6.02 -0.32
CA TYR A 12 -0.63 4.65 0.00
C TYR A 12 -0.52 3.81 -1.27
N LEU A 13 0.19 2.68 -1.17
CA LEU A 13 0.37 1.79 -2.31
C LEU A 13 0.64 0.36 -1.84
N CYS A 14 -0.23 -0.56 -2.26
CA CYS A 14 -0.09 -1.96 -1.88
C CYS A 14 1.28 -2.51 -2.31
N GLY A 15 1.91 -3.27 -1.43
CA GLY A 15 3.21 -3.85 -1.73
C GLY A 15 3.10 -5.23 -2.34
N GLN A 16 1.94 -5.54 -2.92
CA GLN A 16 1.73 -6.85 -3.54
C GLN A 16 1.24 -6.70 -4.97
N CYS A 17 0.40 -5.70 -5.21
CA CYS A 17 -0.14 -5.45 -6.54
C CYS A 17 0.24 -4.05 -7.03
N GLY A 18 0.24 -3.09 -6.12
CA GLY A 18 0.58 -1.72 -6.47
C GLY A 18 -0.64 -0.84 -6.63
N LYS A 19 -1.71 -1.19 -5.93
CA LYS A 19 -2.95 -0.42 -6.00
C LYS A 19 -2.90 0.78 -5.05
N SER A 20 -3.59 1.85 -5.42
CA SER A 20 -3.63 3.06 -4.61
C SER A 20 -4.87 3.08 -3.73
N PHE A 21 -4.73 3.60 -2.52
CA PHE A 21 -5.85 3.69 -1.58
C PHE A 21 -5.82 5.02 -0.83
N THR A 22 -6.76 5.89 -1.16
CA THR A 22 -6.84 7.20 -0.52
C THR A 22 -6.98 7.06 0.99
N GLN A 23 -7.53 5.93 1.43
CA GLN A 23 -7.71 5.67 2.85
C GLN A 23 -6.69 4.67 3.36
N ARG A 24 -6.45 4.68 4.66
CA ARG A 24 -5.50 3.77 5.28
C ARG A 24 -6.15 2.44 5.62
N GLY A 25 -7.46 2.48 5.85
CA GLY A 25 -8.19 1.26 6.18
C GLY A 25 -8.38 0.35 4.98
N SER A 26 -8.56 0.95 3.81
CA SER A 26 -8.77 0.19 2.58
C SER A 26 -7.56 -0.70 2.28
N LEU A 27 -6.37 -0.19 2.60
CA LEU A 27 -5.14 -0.93 2.36
C LEU A 27 -5.07 -2.17 3.24
N ALA A 28 -5.42 -2.01 4.51
CA ALA A 28 -5.41 -3.12 5.46
C ALA A 28 -6.40 -4.21 5.04
N VAL A 29 -7.67 -3.84 4.92
CA VAL A 29 -8.70 -4.78 4.52
C VAL A 29 -8.36 -5.43 3.19
N HIS A 30 -7.57 -4.75 2.38
CA HIS A 30 -7.17 -5.26 1.07
C HIS A 30 -6.03 -6.26 1.21
N GLN A 31 -5.09 -5.96 2.10
CA GLN A 31 -3.94 -6.84 2.32
C GLN A 31 -4.38 -8.16 2.91
N ARG A 32 -5.52 -8.15 3.61
CA ARG A 32 -6.03 -9.36 4.23
C ARG A 32 -6.34 -10.43 3.19
N SER A 33 -6.67 -9.99 1.98
CA SER A 33 -6.99 -10.91 0.88
C SER A 33 -5.86 -10.93 -0.15
N CYS A 34 -5.22 -9.77 -0.33
CA CYS A 34 -4.12 -9.66 -1.29
C CYS A 34 -2.96 -10.56 -0.89
N SER A 35 -2.92 -11.77 -1.46
CA SER A 35 -1.85 -12.72 -1.15
C SER A 35 -1.22 -13.25 -2.44
N GLN A 36 -2.07 -13.60 -3.40
CA GLN A 36 -1.60 -14.12 -4.68
C GLN A 36 -1.80 -13.11 -5.80
N SER A 37 -3.06 -12.82 -6.10
CA SER A 37 -3.39 -11.87 -7.16
C SER A 37 -2.70 -12.24 -8.46
N GLY A 38 -2.49 -13.54 -8.66
CA GLY A 38 -1.83 -14.00 -9.88
C GLY A 38 -0.42 -13.47 -10.01
N PRO A 39 0.51 -14.04 -9.22
CA PRO A 39 1.91 -13.63 -9.24
C PRO A 39 2.47 -13.55 -10.66
N SER A 40 3.58 -12.83 -10.81
CA SER A 40 4.22 -12.66 -12.11
C SER A 40 3.25 -12.05 -13.11
N SER A 41 2.29 -11.28 -12.60
CA SER A 41 1.29 -10.64 -13.46
C SER A 41 1.96 -9.71 -14.47
N GLY A 42 1.63 -9.89 -15.74
CA GLY A 42 2.20 -9.05 -16.78
C GLY A 42 1.26 -7.95 -17.23
ZN ZN B . -2.87 -5.51 -3.25
N GLY A 1 16.80 23.26 13.88
CA GLY A 1 16.92 22.35 12.75
C GLY A 1 16.81 20.89 13.16
N SER A 2 15.65 20.30 12.87
CA SER A 2 15.41 18.89 13.22
C SER A 2 14.35 18.29 12.30
N SER A 3 14.41 16.97 12.15
CA SER A 3 13.46 16.26 11.29
C SER A 3 13.43 14.78 11.63
N GLY A 4 12.23 14.20 11.62
CA GLY A 4 12.09 12.78 11.92
C GLY A 4 10.75 12.23 11.49
N SER A 5 10.09 11.51 12.39
CA SER A 5 8.79 10.92 12.10
C SER A 5 7.66 11.78 12.64
N SER A 6 6.61 11.95 11.84
CA SER A 6 5.46 12.76 12.26
C SER A 6 4.19 11.91 12.28
N GLY A 7 3.85 11.34 11.13
CA GLY A 7 2.65 10.52 11.05
C GLY A 7 1.50 11.23 10.36
N GLY A 8 1.80 11.89 9.25
CA GLY A 8 0.77 12.61 8.52
C GLY A 8 0.06 11.74 7.50
N GLU A 9 -0.92 12.32 6.80
CA GLU A 9 -1.67 11.60 5.79
C GLU A 9 -1.01 11.71 4.43
N THR A 10 -0.64 10.57 3.85
CA THR A 10 0.01 10.55 2.54
C THR A 10 -0.49 9.38 1.70
N PRO A 11 -0.28 9.46 0.38
CA PRO A 11 -0.69 8.42 -0.56
C PRO A 11 -0.28 7.02 -0.10
N TYR A 12 -1.03 6.01 -0.52
CA TYR A 12 -0.73 4.63 -0.14
C TYR A 12 -0.47 3.78 -1.38
N LEU A 13 0.18 2.65 -1.17
CA LEU A 13 0.49 1.73 -2.27
C LEU A 13 0.66 0.30 -1.76
N CYS A 14 -0.16 -0.60 -2.27
CA CYS A 14 -0.10 -2.00 -1.88
C CYS A 14 1.22 -2.63 -2.30
N GLY A 15 1.81 -3.43 -1.41
CA GLY A 15 3.07 -4.08 -1.71
C GLY A 15 2.88 -5.47 -2.28
N GLN A 16 1.71 -5.72 -2.85
CA GLN A 16 1.41 -7.02 -3.44
C GLN A 16 1.00 -6.88 -4.89
N CYS A 17 0.25 -5.82 -5.19
CA CYS A 17 -0.23 -5.57 -6.54
C CYS A 17 0.31 -4.25 -7.08
N GLY A 18 0.31 -3.23 -6.21
CA GLY A 18 0.80 -1.92 -6.60
C GLY A 18 -0.33 -0.94 -6.85
N LYS A 19 -1.50 -1.20 -6.26
CA LYS A 19 -2.65 -0.34 -6.42
C LYS A 19 -2.55 0.89 -5.52
N SER A 20 -3.53 1.78 -5.60
CA SER A 20 -3.55 2.99 -4.80
C SER A 20 -4.72 2.98 -3.82
N PHE A 21 -4.57 3.73 -2.73
CA PHE A 21 -5.61 3.81 -1.71
C PHE A 21 -5.56 5.15 -0.99
N THR A 22 -6.73 5.79 -0.86
CA THR A 22 -6.82 7.08 -0.20
C THR A 22 -7.07 6.92 1.30
N GLN A 23 -7.66 5.78 1.67
CA GLN A 23 -7.95 5.50 3.07
C GLN A 23 -6.94 4.52 3.65
N ARG A 24 -6.72 4.61 4.96
CA ARG A 24 -5.78 3.74 5.64
C ARG A 24 -6.39 2.36 5.89
N GLY A 25 -7.70 2.34 6.14
CA GLY A 25 -8.38 1.09 6.39
C GLY A 25 -8.53 0.24 5.14
N SER A 26 -8.73 0.89 4.01
CA SER A 26 -8.89 0.19 2.74
C SER A 26 -7.65 -0.62 2.41
N LEU A 27 -6.48 -0.02 2.60
CA LEU A 27 -5.22 -0.70 2.33
C LEU A 27 -5.05 -1.91 3.23
N ALA A 28 -5.56 -1.83 4.45
CA ALA A 28 -5.47 -2.92 5.40
C ALA A 28 -6.38 -4.07 5.00
N VAL A 29 -7.67 -3.80 4.90
CA VAL A 29 -8.64 -4.82 4.53
C VAL A 29 -8.28 -5.46 3.19
N HIS A 30 -7.58 -4.70 2.35
CA HIS A 30 -7.17 -5.20 1.04
C HIS A 30 -6.00 -6.17 1.17
N GLN A 31 -4.93 -5.71 1.81
CA GLN A 31 -3.74 -6.53 2.00
C GLN A 31 -4.11 -7.88 2.62
N ARG A 32 -5.17 -7.89 3.42
CA ARG A 32 -5.63 -9.11 4.07
C ARG A 32 -5.81 -10.23 3.06
N SER A 33 -6.66 -9.99 2.06
CA SER A 33 -6.93 -10.98 1.03
C SER A 33 -5.86 -10.96 -0.05
N CYS A 34 -5.36 -9.77 -0.36
CA CYS A 34 -4.32 -9.60 -1.36
C CYS A 34 -3.04 -10.32 -0.93
N SER A 35 -2.88 -11.56 -1.40
CA SER A 35 -1.69 -12.35 -1.07
C SER A 35 -1.37 -13.33 -2.19
N GLN A 36 -0.08 -13.61 -2.37
CA GLN A 36 0.36 -14.54 -3.41
C GLN A 36 0.99 -15.78 -2.80
N SER A 37 0.30 -16.37 -1.82
CA SER A 37 0.80 -17.56 -1.15
C SER A 37 -0.04 -18.78 -1.51
N GLY A 38 0.47 -19.60 -2.43
CA GLY A 38 -0.25 -20.78 -2.85
C GLY A 38 0.37 -22.05 -2.31
N PRO A 39 -0.14 -23.21 -2.76
CA PRO A 39 0.35 -24.52 -2.32
C PRO A 39 1.74 -24.83 -2.87
N SER A 40 2.03 -24.32 -4.06
CA SER A 40 3.32 -24.54 -4.71
C SER A 40 3.93 -23.23 -5.18
N SER A 41 5.19 -23.29 -5.62
CA SER A 41 5.89 -22.10 -6.10
C SER A 41 6.00 -21.05 -5.00
N GLY A 42 6.09 -21.51 -3.75
CA GLY A 42 6.20 -20.61 -2.62
C GLY A 42 5.34 -21.03 -1.45
ZN ZN B . -2.97 -5.54 -3.31
N GLY A 1 22.21 16.18 -0.58
CA GLY A 1 21.82 17.58 -0.54
C GLY A 1 20.58 17.85 -1.37
N SER A 2 19.41 17.73 -0.74
CA SER A 2 18.14 17.96 -1.41
C SER A 2 17.07 18.41 -0.43
N SER A 3 15.99 18.98 -0.95
CA SER A 3 14.89 19.46 -0.12
C SER A 3 13.59 18.77 -0.50
N GLY A 4 12.56 18.95 0.33
CA GLY A 4 11.27 18.34 0.06
C GLY A 4 10.52 18.00 1.34
N SER A 5 10.41 18.96 2.24
CA SER A 5 9.72 18.74 3.51
C SER A 5 8.22 18.66 3.30
N SER A 6 7.68 17.45 3.40
CA SER A 6 6.25 17.24 3.22
C SER A 6 5.71 16.27 4.28
N GLY A 7 4.38 16.24 4.42
CA GLY A 7 3.76 15.37 5.39
C GLY A 7 2.26 15.55 5.46
N GLY A 8 1.66 15.12 6.57
CA GLY A 8 0.22 15.25 6.74
C GLY A 8 -0.54 14.13 6.06
N GLU A 9 -1.17 14.45 4.93
CA GLU A 9 -1.94 13.46 4.18
C GLU A 9 -1.18 12.99 2.95
N THR A 10 -0.77 11.73 2.95
CA THR A 10 -0.03 11.16 1.84
C THR A 10 -0.79 9.98 1.22
N PRO A 11 -0.42 9.63 -0.01
CA PRO A 11 -1.05 8.52 -0.74
C PRO A 11 -0.61 7.16 -0.21
N TYR A 12 -1.31 6.11 -0.63
CA TYR A 12 -0.99 4.75 -0.21
C TYR A 12 -0.77 3.84 -1.40
N LEU A 13 -0.07 2.74 -1.17
CA LEU A 13 0.22 1.77 -2.23
C LEU A 13 0.45 0.38 -1.66
N CYS A 14 -0.16 -0.62 -2.28
CA CYS A 14 -0.02 -2.00 -1.83
C CYS A 14 1.33 -2.57 -2.22
N GLY A 15 1.93 -3.34 -1.32
CA GLY A 15 3.23 -3.93 -1.58
C GLY A 15 3.12 -5.34 -2.12
N GLN A 16 2.02 -5.63 -2.81
CA GLN A 16 1.80 -6.95 -3.37
C GLN A 16 1.34 -6.85 -4.82
N CYS A 17 0.45 -5.90 -5.10
CA CYS A 17 -0.07 -5.69 -6.44
C CYS A 17 0.34 -4.33 -6.98
N GLY A 18 0.33 -3.33 -6.11
CA GLY A 18 0.70 -1.98 -6.51
C GLY A 18 -0.51 -1.09 -6.72
N LYS A 19 -1.61 -1.41 -6.04
CA LYS A 19 -2.83 -0.63 -6.14
C LYS A 19 -2.77 0.60 -5.26
N SER A 20 -3.43 1.67 -5.69
CA SER A 20 -3.45 2.93 -4.94
C SER A 20 -4.75 3.07 -4.16
N PHE A 21 -4.69 3.81 -3.06
CA PHE A 21 -5.88 4.02 -2.23
C PHE A 21 -5.85 5.41 -1.60
N THR A 22 -6.96 5.79 -0.97
CA THR A 22 -7.07 7.10 -0.33
C THR A 22 -7.47 6.97 1.13
N GLN A 23 -7.17 5.82 1.73
CA GLN A 23 -7.50 5.57 3.12
C GLN A 23 -6.54 4.56 3.75
N ARG A 24 -6.41 4.61 5.06
CA ARG A 24 -5.52 3.71 5.77
C ARG A 24 -6.15 2.32 5.92
N GLY A 25 -7.41 2.29 6.33
CA GLY A 25 -8.10 1.03 6.49
C GLY A 25 -8.28 0.29 5.18
N SER A 26 -8.58 1.03 4.13
CA SER A 26 -8.78 0.43 2.80
C SER A 26 -7.59 -0.43 2.41
N LEU A 27 -6.40 0.04 2.75
CA LEU A 27 -5.18 -0.70 2.43
C LEU A 27 -5.05 -1.96 3.28
N ALA A 28 -5.47 -1.86 4.54
CA ALA A 28 -5.42 -2.99 5.45
C ALA A 28 -6.39 -4.09 5.02
N VAL A 29 -7.67 -3.75 4.91
CA VAL A 29 -8.69 -4.70 4.51
C VAL A 29 -8.32 -5.37 3.18
N HIS A 30 -7.54 -4.67 2.37
CA HIS A 30 -7.12 -5.19 1.07
C HIS A 30 -6.03 -6.25 1.25
N GLN A 31 -5.03 -5.94 2.08
CA GLN A 31 -3.93 -6.86 2.32
C GLN A 31 -4.45 -8.18 2.88
N ARG A 32 -5.59 -8.13 3.54
CA ARG A 32 -6.20 -9.33 4.12
C ARG A 32 -6.40 -10.41 3.06
N SER A 33 -6.92 -9.99 1.91
CA SER A 33 -7.18 -10.92 0.81
C SER A 33 -5.99 -10.98 -0.14
N CYS A 34 -5.43 -9.81 -0.45
CA CYS A 34 -4.29 -9.72 -1.35
C CYS A 34 -3.18 -10.66 -0.91
N SER A 35 -2.57 -11.35 -1.87
CA SER A 35 -1.49 -12.28 -1.58
C SER A 35 -0.77 -12.70 -2.86
N GLN A 36 0.53 -12.97 -2.75
CA GLN A 36 1.32 -13.38 -3.90
C GLN A 36 0.94 -14.78 -4.35
N SER A 37 0.53 -14.89 -5.61
CA SER A 37 0.14 -16.18 -6.18
C SER A 37 1.35 -17.09 -6.39
N GLY A 38 1.11 -18.40 -6.35
CA GLY A 38 2.19 -19.35 -6.54
C GLY A 38 2.09 -20.53 -5.61
N PRO A 39 2.41 -20.32 -4.33
CA PRO A 39 2.36 -21.37 -3.31
C PRO A 39 0.92 -21.75 -2.94
N SER A 40 0.62 -23.04 -3.05
CA SER A 40 -0.72 -23.53 -2.73
C SER A 40 -0.69 -25.03 -2.43
N SER A 41 -1.19 -25.40 -1.25
CA SER A 41 -1.20 -26.80 -0.83
C SER A 41 -2.59 -27.39 -1.04
N GLY A 42 -2.69 -28.31 -2.01
CA GLY A 42 -3.96 -28.95 -2.29
C GLY A 42 -4.58 -28.45 -3.58
ZN ZN B . -2.74 -5.66 -3.18
N GLY A 1 20.51 28.48 4.46
CA GLY A 1 19.84 27.20 4.34
C GLY A 1 18.44 27.32 3.79
N SER A 2 17.73 26.19 3.72
CA SER A 2 16.38 26.18 3.19
C SER A 2 15.56 25.04 3.81
N SER A 3 14.37 25.37 4.28
CA SER A 3 13.50 24.37 4.90
C SER A 3 12.72 23.59 3.84
N GLY A 4 12.24 22.41 4.22
CA GLY A 4 11.49 21.59 3.29
C GLY A 4 10.74 20.47 3.99
N SER A 5 9.42 20.43 3.80
CA SER A 5 8.59 19.41 4.42
C SER A 5 8.36 18.24 3.46
N SER A 6 8.65 17.03 3.92
CA SER A 6 8.49 15.83 3.11
C SER A 6 7.68 14.77 3.86
N GLY A 7 6.36 14.84 3.75
CA GLY A 7 5.51 13.88 4.42
C GLY A 7 4.07 14.37 4.55
N GLY A 8 3.55 14.35 5.76
CA GLY A 8 2.19 14.80 6.00
C GLY A 8 1.17 13.90 5.33
N GLU A 9 0.21 14.50 4.63
CA GLU A 9 -0.84 13.74 3.96
C GLU A 9 -0.34 13.20 2.62
N THR A 10 -0.05 11.90 2.58
CA THR A 10 0.44 11.26 1.37
C THR A 10 -0.45 10.09 0.96
N PRO A 11 -0.35 9.68 -0.30
CA PRO A 11 -1.13 8.56 -0.84
C PRO A 11 -0.63 7.21 -0.34
N TYR A 12 -1.39 6.16 -0.64
CA TYR A 12 -1.02 4.81 -0.22
C TYR A 12 -0.80 3.90 -1.44
N LEU A 13 -0.08 2.81 -1.23
CA LEU A 13 0.21 1.86 -2.30
C LEU A 13 0.49 0.48 -1.73
N CYS A 14 -0.18 -0.53 -2.29
CA CYS A 14 0.00 -1.91 -1.84
C CYS A 14 1.38 -2.43 -2.25
N GLY A 15 2.01 -3.16 -1.34
CA GLY A 15 3.32 -3.71 -1.61
C GLY A 15 3.26 -5.13 -2.16
N GLN A 16 2.14 -5.46 -2.81
CA GLN A 16 1.95 -6.79 -3.36
C GLN A 16 1.50 -6.71 -4.82
N CYS A 17 0.61 -5.77 -5.10
CA CYS A 17 0.10 -5.58 -6.45
C CYS A 17 0.44 -4.19 -6.99
N GLY A 18 0.37 -3.20 -6.11
CA GLY A 18 0.68 -1.84 -6.51
C GLY A 18 -0.57 -1.00 -6.70
N LYS A 19 -1.64 -1.37 -6.01
CA LYS A 19 -2.90 -0.63 -6.09
C LYS A 19 -2.86 0.62 -5.23
N SER A 20 -3.55 1.67 -5.68
CA SER A 20 -3.59 2.93 -4.94
C SER A 20 -4.86 3.03 -4.11
N PHE A 21 -4.80 3.78 -3.02
CA PHE A 21 -5.95 3.96 -2.14
C PHE A 21 -6.01 5.39 -1.61
N THR A 22 -6.97 5.64 -0.73
CA THR A 22 -7.13 6.97 -0.15
C THR A 22 -7.08 6.91 1.38
N GLN A 23 -7.62 5.83 1.94
CA GLN A 23 -7.63 5.65 3.39
C GLN A 23 -6.78 4.46 3.79
N ARG A 24 -6.00 4.62 4.87
CA ARG A 24 -5.14 3.56 5.35
C ARG A 24 -5.96 2.30 5.67
N GLY A 25 -7.18 2.50 6.12
CA GLY A 25 -8.05 1.37 6.45
C GLY A 25 -8.39 0.54 5.24
N SER A 26 -8.44 1.18 4.07
CA SER A 26 -8.77 0.49 2.83
C SER A 26 -7.63 -0.43 2.40
N LEU A 27 -6.40 -0.01 2.69
CA LEU A 27 -5.22 -0.80 2.33
C LEU A 27 -5.11 -2.04 3.22
N ALA A 28 -5.46 -1.89 4.48
CA ALA A 28 -5.40 -2.99 5.44
C ALA A 28 -6.34 -4.12 5.02
N VAL A 29 -7.61 -3.80 4.87
CA VAL A 29 -8.61 -4.78 4.47
C VAL A 29 -8.24 -5.45 3.15
N HIS A 30 -7.46 -4.74 2.34
CA HIS A 30 -7.03 -5.26 1.04
C HIS A 30 -5.92 -6.28 1.22
N GLN A 31 -4.97 -5.99 2.11
CA GLN A 31 -3.85 -6.88 2.37
C GLN A 31 -4.34 -8.27 2.78
N ARG A 32 -5.54 -8.31 3.35
CA ARG A 32 -6.13 -9.58 3.78
C ARG A 32 -6.34 -10.52 2.60
N SER A 33 -7.05 -10.04 1.59
CA SER A 33 -7.32 -10.84 0.41
C SER A 33 -6.11 -10.89 -0.51
N CYS A 34 -5.37 -9.79 -0.56
CA CYS A 34 -4.18 -9.70 -1.40
C CYS A 34 -3.05 -10.55 -0.84
N SER A 35 -3.07 -11.84 -1.13
CA SER A 35 -2.06 -12.77 -0.65
C SER A 35 -1.47 -13.58 -1.80
N GLN A 36 -0.40 -13.05 -2.39
CA GLN A 36 0.26 -13.73 -3.51
C GLN A 36 1.77 -13.51 -3.45
N SER A 37 2.51 -14.32 -4.21
CA SER A 37 3.96 -14.23 -4.25
C SER A 37 4.55 -14.35 -2.85
N GLY A 38 3.83 -15.05 -1.98
CA GLY A 38 4.29 -15.24 -0.61
C GLY A 38 5.23 -16.41 -0.46
N PRO A 39 5.72 -16.63 0.77
CA PRO A 39 6.64 -17.74 1.07
C PRO A 39 6.14 -19.08 0.51
N SER A 40 6.78 -19.55 -0.54
CA SER A 40 6.40 -20.80 -1.17
C SER A 40 7.32 -21.94 -0.72
N SER A 41 7.65 -21.95 0.57
CA SER A 41 8.53 -22.98 1.13
C SER A 41 7.85 -24.34 1.12
N GLY A 42 8.64 -25.39 1.31
CA GLY A 42 8.10 -26.73 1.32
C GLY A 42 9.17 -27.80 1.22
ZN ZN B . -2.62 -5.63 -3.20
N GLY A 1 10.99 23.88 -11.23
CA GLY A 1 11.01 22.95 -10.13
C GLY A 1 9.79 23.06 -9.24
N SER A 2 9.11 21.93 -9.03
CA SER A 2 7.91 21.91 -8.20
C SER A 2 8.24 21.49 -6.77
N SER A 3 7.50 22.02 -5.82
CA SER A 3 7.71 21.70 -4.40
C SER A 3 6.52 20.93 -3.84
N GLY A 4 5.39 21.60 -3.75
CA GLY A 4 4.19 20.97 -3.22
C GLY A 4 4.02 21.20 -1.73
N SER A 5 3.39 22.32 -1.39
CA SER A 5 3.16 22.66 0.02
C SER A 5 1.76 22.28 0.45
N SER A 6 1.44 20.99 0.34
CA SER A 6 0.13 20.48 0.72
C SER A 6 0.20 19.72 2.04
N GLY A 7 -0.66 20.11 2.99
CA GLY A 7 -0.68 19.46 4.28
C GLY A 7 -1.92 18.62 4.48
N GLY A 8 -1.77 17.31 4.45
CA GLY A 8 -2.90 16.42 4.63
C GLY A 8 -2.52 14.95 4.51
N GLU A 9 -3.49 14.11 4.18
CA GLU A 9 -3.25 12.68 4.04
C GLU A 9 -2.18 12.41 2.98
N THR A 10 -1.69 11.18 2.93
CA THR A 10 -0.67 10.78 1.97
C THR A 10 -1.17 9.66 1.07
N PRO A 11 -0.50 9.48 -0.07
CA PRO A 11 -0.85 8.43 -1.04
C PRO A 11 -0.43 7.04 -0.57
N TYR A 12 -1.37 6.11 -0.60
CA TYR A 12 -1.11 4.74 -0.18
C TYR A 12 -0.79 3.85 -1.38
N LEU A 13 -0.12 2.73 -1.12
CA LEU A 13 0.24 1.79 -2.17
C LEU A 13 0.41 0.38 -1.61
N CYS A 14 -0.19 -0.59 -2.30
CA CYS A 14 -0.11 -1.99 -1.87
C CYS A 14 1.26 -2.58 -2.20
N GLY A 15 1.80 -3.37 -1.27
CA GLY A 15 3.09 -3.98 -1.49
C GLY A 15 2.98 -5.38 -2.06
N GLN A 16 1.91 -5.63 -2.80
CA GLN A 16 1.68 -6.93 -3.40
C GLN A 16 1.27 -6.78 -4.87
N CYS A 17 0.41 -5.82 -5.14
CA CYS A 17 -0.07 -5.57 -6.49
C CYS A 17 0.38 -4.19 -6.99
N GLY A 18 0.40 -3.22 -6.08
CA GLY A 18 0.81 -1.88 -6.44
C GLY A 18 -0.38 -0.96 -6.71
N LYS A 19 -1.49 -1.24 -6.04
CA LYS A 19 -2.70 -0.44 -6.21
C LYS A 19 -2.69 0.76 -5.27
N SER A 20 -3.32 1.85 -5.70
CA SER A 20 -3.37 3.07 -4.90
C SER A 20 -4.71 3.16 -4.17
N PHE A 21 -4.70 3.82 -3.01
CA PHE A 21 -5.91 4.00 -2.21
C PHE A 21 -5.98 5.40 -1.62
N THR A 22 -7.04 5.65 -0.86
CA THR A 22 -7.23 6.96 -0.24
C THR A 22 -7.19 6.87 1.27
N GLN A 23 -7.80 5.83 1.82
CA GLN A 23 -7.83 5.62 3.27
C GLN A 23 -6.83 4.56 3.68
N ARG A 24 -6.31 4.69 4.89
CA ARG A 24 -5.32 3.74 5.41
C ARG A 24 -5.99 2.42 5.78
N GLY A 25 -7.28 2.48 6.11
CA GLY A 25 -8.01 1.28 6.48
C GLY A 25 -8.27 0.37 5.29
N SER A 26 -8.57 0.98 4.15
CA SER A 26 -8.86 0.21 2.94
C SER A 26 -7.64 -0.62 2.52
N LEU A 27 -6.44 -0.05 2.72
CA LEU A 27 -5.21 -0.73 2.37
C LEU A 27 -5.01 -1.97 3.24
N ALA A 28 -5.38 -1.86 4.51
CA ALA A 28 -5.24 -2.96 5.45
C ALA A 28 -6.13 -4.15 5.04
N VAL A 29 -7.43 -3.89 4.92
CA VAL A 29 -8.38 -4.92 4.55
C VAL A 29 -8.00 -5.55 3.21
N HIS A 30 -7.47 -4.73 2.30
CA HIS A 30 -7.07 -5.21 0.99
C HIS A 30 -5.90 -6.19 1.10
N GLN A 31 -4.91 -5.84 1.90
CA GLN A 31 -3.74 -6.68 2.09
C GLN A 31 -4.15 -8.08 2.57
N ARG A 32 -5.30 -8.16 3.23
CA ARG A 32 -5.80 -9.44 3.72
C ARG A 32 -6.06 -10.41 2.58
N SER A 33 -6.91 -10.00 1.64
CA SER A 33 -7.24 -10.84 0.49
C SER A 33 -6.11 -10.83 -0.53
N CYS A 34 -5.35 -9.75 -0.55
CA CYS A 34 -4.23 -9.60 -1.47
C CYS A 34 -3.03 -10.42 -1.01
N SER A 35 -3.19 -11.73 -0.95
CA SER A 35 -2.13 -12.62 -0.52
C SER A 35 -1.75 -13.60 -1.62
N GLN A 36 -2.72 -14.42 -2.04
CA GLN A 36 -2.49 -15.41 -3.09
C GLN A 36 -3.06 -14.92 -4.42
N SER A 37 -4.11 -14.11 -4.34
CA SER A 37 -4.75 -13.59 -5.54
C SER A 37 -3.74 -12.87 -6.43
N GLY A 38 -3.98 -12.92 -7.74
CA GLY A 38 -3.07 -12.27 -8.67
C GLY A 38 -1.98 -13.20 -9.16
N PRO A 39 -1.01 -12.63 -9.89
CA PRO A 39 0.12 -13.40 -10.44
C PRO A 39 1.09 -13.86 -9.36
N SER A 40 1.84 -14.93 -9.65
CA SER A 40 2.79 -15.47 -8.70
C SER A 40 4.03 -14.57 -8.61
N SER A 41 4.66 -14.57 -7.43
CA SER A 41 5.85 -13.76 -7.20
C SER A 41 6.90 -14.01 -8.28
N GLY A 42 7.60 -12.96 -8.67
CA GLY A 42 8.62 -13.08 -9.69
C GLY A 42 8.72 -11.85 -10.57
ZN ZN B . -2.90 -5.49 -3.34
N GLY A 1 12.37 14.46 -12.27
CA GLY A 1 12.02 14.92 -10.94
C GLY A 1 10.62 15.51 -10.88
N SER A 2 9.91 15.26 -9.79
CA SER A 2 8.56 15.77 -9.62
C SER A 2 8.39 16.38 -8.23
N SER A 3 8.96 17.57 -8.04
CA SER A 3 8.85 18.26 -6.76
C SER A 3 7.58 19.07 -6.67
N GLY A 4 6.57 18.52 -6.00
CA GLY A 4 5.30 19.20 -5.86
C GLY A 4 5.05 19.67 -4.44
N SER A 5 3.78 19.68 -4.04
CA SER A 5 3.41 20.11 -2.69
C SER A 5 2.96 18.92 -1.85
N SER A 6 3.83 18.49 -0.94
CA SER A 6 3.53 17.36 -0.08
C SER A 6 3.40 17.82 1.38
N GLY A 7 2.60 18.85 1.60
CA GLY A 7 2.40 19.37 2.93
C GLY A 7 1.18 18.77 3.61
N GLY A 8 1.34 17.56 4.15
CA GLY A 8 0.23 16.90 4.82
C GLY A 8 0.38 15.39 4.83
N GLU A 9 -0.61 14.70 4.28
CA GLU A 9 -0.59 13.24 4.23
C GLU A 9 -0.18 12.75 2.84
N THR A 10 0.38 11.54 2.79
CA THR A 10 0.81 10.96 1.53
C THR A 10 -0.10 9.82 1.10
N PRO A 11 -0.04 9.47 -0.19
CA PRO A 11 -0.86 8.39 -0.76
C PRO A 11 -0.37 7.01 -0.35
N TYR A 12 -1.26 6.02 -0.42
CA TYR A 12 -0.90 4.65 -0.05
C TYR A 12 -0.68 3.80 -1.30
N LEU A 13 0.03 2.70 -1.13
CA LEU A 13 0.32 1.79 -2.25
C LEU A 13 0.59 0.37 -1.73
N CYS A 14 -0.14 -0.59 -2.30
CA CYS A 14 0.02 -1.99 -1.91
C CYS A 14 1.37 -2.54 -2.35
N GLY A 15 2.00 -3.31 -1.47
CA GLY A 15 3.30 -3.89 -1.79
C GLY A 15 3.19 -5.27 -2.38
N GLN A 16 2.07 -5.55 -3.04
CA GLN A 16 1.84 -6.85 -3.66
C GLN A 16 1.37 -6.71 -5.10
N CYS A 17 0.49 -5.74 -5.33
CA CYS A 17 -0.05 -5.49 -6.66
C CYS A 17 0.31 -4.10 -7.14
N GLY A 18 0.30 -3.13 -6.22
CA GLY A 18 0.63 -1.76 -6.57
C GLY A 18 -0.60 -0.88 -6.71
N LYS A 19 -1.67 -1.26 -6.01
CA LYS A 19 -2.91 -0.50 -6.05
C LYS A 19 -2.85 0.71 -5.13
N SER A 20 -3.52 1.79 -5.53
CA SER A 20 -3.53 3.02 -4.75
C SER A 20 -4.80 3.11 -3.90
N PHE A 21 -4.69 3.74 -2.74
CA PHE A 21 -5.82 3.90 -1.83
C PHE A 21 -5.79 5.27 -1.15
N THR A 22 -6.97 5.86 -1.00
CA THR A 22 -7.06 7.17 -0.36
C THR A 22 -7.05 7.05 1.16
N GLN A 23 -7.76 6.05 1.68
CA GLN A 23 -7.82 5.82 3.12
C GLN A 23 -6.78 4.81 3.55
N ARG A 24 -6.60 4.68 4.86
CA ARG A 24 -5.63 3.74 5.41
C ARG A 24 -6.24 2.34 5.57
N GLY A 25 -7.36 2.28 6.27
CA GLY A 25 -8.03 1.01 6.48
C GLY A 25 -8.27 0.26 5.19
N SER A 26 -8.51 1.00 4.11
CA SER A 26 -8.76 0.40 2.81
C SER A 26 -7.60 -0.51 2.39
N LEU A 27 -6.38 -0.08 2.70
CA LEU A 27 -5.20 -0.86 2.36
C LEU A 27 -5.12 -2.13 3.22
N ALA A 28 -5.33 -1.97 4.52
CA ALA A 28 -5.28 -3.09 5.44
C ALA A 28 -6.25 -4.19 5.02
N VAL A 29 -7.52 -3.82 4.84
CA VAL A 29 -8.54 -4.77 4.44
C VAL A 29 -8.19 -5.43 3.11
N HIS A 30 -7.42 -4.73 2.28
CA HIS A 30 -7.01 -5.25 0.99
C HIS A 30 -5.88 -6.26 1.15
N GLN A 31 -4.90 -5.95 1.99
CA GLN A 31 -3.78 -6.83 2.23
C GLN A 31 -4.25 -8.22 2.65
N ARG A 32 -5.42 -8.28 3.27
CA ARG A 32 -6.00 -9.54 3.72
C ARG A 32 -6.20 -10.49 2.54
N SER A 33 -6.99 -10.05 1.56
CA SER A 33 -7.27 -10.87 0.39
C SER A 33 -6.08 -10.88 -0.56
N CYS A 34 -5.33 -9.79 -0.57
CA CYS A 34 -4.16 -9.67 -1.45
C CYS A 34 -2.96 -10.37 -0.84
N SER A 35 -3.10 -11.67 -0.58
CA SER A 35 -2.03 -12.46 0.01
C SER A 35 -1.77 -13.72 -0.80
N GLN A 36 -0.89 -13.60 -1.81
CA GLN A 36 -0.56 -14.73 -2.66
C GLN A 36 0.57 -15.56 -2.05
N SER A 37 0.52 -16.88 -2.27
CA SER A 37 1.53 -17.78 -1.74
C SER A 37 2.93 -17.31 -2.13
N GLY A 38 3.09 -16.90 -3.39
CA GLY A 38 4.38 -16.44 -3.86
C GLY A 38 5.14 -17.51 -4.60
N PRO A 39 4.67 -17.84 -5.81
CA PRO A 39 5.30 -18.87 -6.66
C PRO A 39 6.63 -18.39 -7.26
N SER A 40 6.80 -17.07 -7.30
CA SER A 40 8.03 -16.49 -7.85
C SER A 40 8.63 -15.48 -6.87
N SER A 41 9.76 -14.89 -7.27
CA SER A 41 10.44 -13.91 -6.43
C SER A 41 10.90 -12.71 -7.26
N GLY A 42 10.81 -11.52 -6.68
CA GLY A 42 11.22 -10.32 -7.38
C GLY A 42 12.68 -9.98 -7.13
ZN ZN B . -2.70 -5.59 -3.35
N GLY A 1 14.51 4.25 -6.36
CA GLY A 1 14.27 5.63 -6.73
C GLY A 1 13.88 6.49 -5.54
N SER A 2 14.42 7.70 -5.50
CA SER A 2 14.14 8.62 -4.40
C SER A 2 13.00 9.58 -4.78
N SER A 3 11.80 9.28 -4.29
CA SER A 3 10.64 10.10 -4.58
C SER A 3 10.04 10.66 -3.29
N GLY A 4 10.65 11.72 -2.77
CA GLY A 4 10.16 12.34 -1.54
C GLY A 4 8.83 13.04 -1.73
N SER A 5 8.00 13.00 -0.71
CA SER A 5 6.69 13.64 -0.77
C SER A 5 6.44 14.51 0.46
N SER A 6 7.40 15.37 0.78
CA SER A 6 7.30 16.25 1.92
C SER A 6 6.04 17.12 1.83
N GLY A 7 5.57 17.59 2.99
CA GLY A 7 4.38 18.42 3.02
C GLY A 7 3.43 18.01 4.13
N GLY A 8 2.93 16.78 4.07
CA GLY A 8 2.01 16.30 5.08
C GLY A 8 1.48 14.92 4.76
N GLU A 9 0.21 14.84 4.37
CA GLU A 9 -0.42 13.58 4.04
C GLU A 9 0.10 13.04 2.72
N THR A 10 0.22 11.72 2.62
CA THR A 10 0.69 11.08 1.41
C THR A 10 -0.22 9.94 0.98
N PRO A 11 -0.11 9.53 -0.30
CA PRO A 11 -0.93 8.46 -0.86
C PRO A 11 -0.48 7.08 -0.38
N TYR A 12 -1.32 6.08 -0.60
CA TYR A 12 -1.01 4.71 -0.18
C TYR A 12 -0.76 3.82 -1.40
N LEU A 13 -0.06 2.72 -1.16
CA LEU A 13 0.26 1.77 -2.23
C LEU A 13 0.47 0.37 -1.68
N CYS A 14 -0.20 -0.61 -2.29
CA CYS A 14 -0.08 -2.00 -1.85
C CYS A 14 1.30 -2.56 -2.21
N GLY A 15 1.85 -3.36 -1.31
CA GLY A 15 3.15 -3.96 -1.55
C GLY A 15 3.06 -5.36 -2.13
N GLN A 16 1.98 -5.61 -2.86
CA GLN A 16 1.78 -6.92 -3.48
C GLN A 16 1.36 -6.78 -4.93
N CYS A 17 0.48 -5.81 -5.21
CA CYS A 17 0.01 -5.57 -6.56
C CYS A 17 0.39 -4.17 -7.04
N GLY A 18 0.33 -3.20 -6.12
CA GLY A 18 0.68 -1.84 -6.47
C GLY A 18 -0.54 -0.96 -6.64
N LYS A 19 -1.64 -1.34 -6.01
CA LYS A 19 -2.89 -0.57 -6.09
C LYS A 19 -2.82 0.66 -5.21
N SER A 20 -3.49 1.72 -5.64
CA SER A 20 -3.50 2.98 -4.88
C SER A 20 -4.82 3.13 -4.12
N PHE A 21 -4.75 3.79 -2.97
CA PHE A 21 -5.93 4.00 -2.14
C PHE A 21 -5.95 5.42 -1.57
N THR A 22 -7.05 5.79 -0.93
CA THR A 22 -7.19 7.11 -0.35
C THR A 22 -7.50 7.03 1.14
N GLN A 23 -7.09 5.93 1.76
CA GLN A 23 -7.33 5.72 3.19
C GLN A 23 -6.40 4.64 3.74
N ARG A 24 -6.33 4.57 5.07
CA ARG A 24 -5.47 3.58 5.73
C ARG A 24 -6.16 2.21 5.78
N GLY A 25 -7.34 2.18 6.37
CA GLY A 25 -8.08 0.94 6.47
C GLY A 25 -8.26 0.25 5.14
N SER A 26 -8.50 1.04 4.10
CA SER A 26 -8.70 0.50 2.76
C SER A 26 -7.53 -0.40 2.36
N LEU A 27 -6.32 0.04 2.70
CA LEU A 27 -5.12 -0.73 2.38
C LEU A 27 -5.01 -1.97 3.25
N ALA A 28 -5.51 -1.86 4.48
CA ALA A 28 -5.47 -2.99 5.41
C ALA A 28 -6.42 -4.09 4.98
N VAL A 29 -7.70 -3.75 4.80
CA VAL A 29 -8.70 -4.72 4.38
C VAL A 29 -8.30 -5.40 3.09
N HIS A 30 -7.57 -4.68 2.24
CA HIS A 30 -7.12 -5.22 0.96
C HIS A 30 -6.01 -6.25 1.17
N GLN A 31 -5.01 -5.89 1.96
CA GLN A 31 -3.89 -6.79 2.24
C GLN A 31 -4.39 -8.13 2.78
N ARG A 32 -5.55 -8.10 3.44
CA ARG A 32 -6.13 -9.32 4.00
C ARG A 32 -6.28 -10.39 2.94
N SER A 33 -6.90 -10.02 1.81
CA SER A 33 -7.12 -10.95 0.72
C SER A 33 -5.91 -11.00 -0.21
N CYS A 34 -5.37 -9.83 -0.52
CA CYS A 34 -4.21 -9.73 -1.39
C CYS A 34 -3.03 -10.52 -0.82
N SER A 35 -2.81 -11.71 -1.37
CA SER A 35 -1.71 -12.57 -0.92
C SER A 35 -0.97 -13.18 -2.11
N GLN A 36 0.35 -13.13 -2.06
CA GLN A 36 1.17 -13.68 -3.13
C GLN A 36 2.61 -13.88 -2.66
N SER A 37 3.18 -15.04 -2.97
CA SER A 37 4.54 -15.36 -2.59
C SER A 37 5.45 -15.43 -3.80
N GLY A 38 6.58 -14.73 -3.74
CA GLY A 38 7.52 -14.72 -4.85
C GLY A 38 8.55 -13.63 -4.72
N PRO A 39 8.13 -12.37 -4.94
CA PRO A 39 9.01 -11.21 -4.87
C PRO A 39 9.82 -11.18 -3.57
N SER A 40 11.13 -11.02 -3.69
CA SER A 40 12.01 -10.97 -2.53
C SER A 40 12.54 -9.57 -2.30
N SER A 41 11.99 -8.89 -1.30
CA SER A 41 12.40 -7.53 -0.96
C SER A 41 11.82 -7.09 0.38
N GLY A 42 12.46 -6.11 1.00
CA GLY A 42 11.99 -5.61 2.28
C GLY A 42 12.68 -4.33 2.69
ZN ZN B . -2.71 -5.74 -3.32
N GLY A 1 16.72 9.56 -4.99
CA GLY A 1 16.62 10.93 -4.54
C GLY A 1 15.29 11.56 -4.88
N SER A 2 14.32 11.41 -4.00
CA SER A 2 12.98 11.97 -4.21
C SER A 2 12.53 12.79 -3.01
N SER A 3 12.14 14.04 -3.28
CA SER A 3 11.70 14.93 -2.22
C SER A 3 10.17 14.92 -2.11
N GLY A 4 9.67 15.13 -0.89
CA GLY A 4 8.24 15.14 -0.67
C GLY A 4 7.88 15.24 0.79
N SER A 5 7.95 16.46 1.34
CA SER A 5 7.64 16.69 2.74
C SER A 5 6.14 16.91 2.92
N SER A 6 5.41 15.84 3.23
CA SER A 6 3.97 15.92 3.43
C SER A 6 3.53 14.98 4.55
N GLY A 7 2.63 15.45 5.39
CA GLY A 7 2.14 14.64 6.49
C GLY A 7 0.65 14.83 6.73
N GLY A 8 0.02 13.81 7.32
CA GLY A 8 -1.40 13.89 7.59
C GLY A 8 -2.23 13.10 6.59
N GLU A 9 -2.21 13.54 5.33
CA GLU A 9 -2.96 12.86 4.27
C GLU A 9 -2.05 12.53 3.10
N THR A 10 -1.38 11.39 3.17
CA THR A 10 -0.48 10.96 2.11
C THR A 10 -1.07 9.80 1.32
N PRO A 11 -0.54 9.57 0.11
CA PRO A 11 -1.00 8.49 -0.76
C PRO A 11 -0.53 7.12 -0.29
N TYR A 12 -1.34 6.10 -0.57
CA TYR A 12 -1.00 4.74 -0.17
C TYR A 12 -0.76 3.85 -1.38
N LEU A 13 -0.05 2.75 -1.17
CA LEU A 13 0.25 1.81 -2.26
C LEU A 13 0.49 0.42 -1.71
N CYS A 14 -0.18 -0.56 -2.31
CA CYS A 14 -0.04 -1.95 -1.88
C CYS A 14 1.33 -2.52 -2.30
N GLY A 15 1.94 -3.26 -1.39
CA GLY A 15 3.24 -3.84 -1.68
C GLY A 15 3.14 -5.25 -2.23
N GLN A 16 2.00 -5.57 -2.83
CA GLN A 16 1.77 -6.89 -3.40
C GLN A 16 1.32 -6.79 -4.86
N CYS A 17 0.48 -5.80 -5.14
CA CYS A 17 -0.02 -5.58 -6.49
C CYS A 17 0.39 -4.21 -7.02
N GLY A 18 0.33 -3.21 -6.15
CA GLY A 18 0.70 -1.86 -6.55
C GLY A 18 -0.50 -0.96 -6.75
N LYS A 19 -1.60 -1.30 -6.08
CA LYS A 19 -2.83 -0.53 -6.20
C LYS A 19 -2.78 0.71 -5.30
N SER A 20 -3.43 1.78 -5.73
CA SER A 20 -3.46 3.02 -4.97
C SER A 20 -4.75 3.14 -4.16
N PHE A 21 -4.65 3.75 -2.98
CA PHE A 21 -5.82 3.93 -2.12
C PHE A 21 -5.90 5.36 -1.60
N THR A 22 -6.86 5.61 -0.73
CA THR A 22 -7.05 6.94 -0.15
C THR A 22 -6.87 6.92 1.36
N GLN A 23 -7.33 5.86 1.99
CA GLN A 23 -7.22 5.72 3.44
C GLN A 23 -6.48 4.43 3.81
N ARG A 24 -5.77 4.47 4.94
CA ARG A 24 -5.02 3.31 5.40
C ARG A 24 -5.95 2.14 5.68
N GLY A 25 -7.14 2.44 6.19
CA GLY A 25 -8.10 1.40 6.50
C GLY A 25 -8.42 0.52 5.30
N SER A 26 -8.76 1.16 4.18
CA SER A 26 -9.10 0.43 2.96
C SER A 26 -7.94 -0.46 2.52
N LEU A 27 -6.72 0.04 2.70
CA LEU A 27 -5.52 -0.71 2.33
C LEU A 27 -5.41 -1.99 3.16
N ALA A 28 -5.83 -1.92 4.41
CA ALA A 28 -5.77 -3.06 5.30
C ALA A 28 -6.71 -4.18 4.84
N VAL A 29 -7.99 -3.84 4.68
CA VAL A 29 -8.98 -4.81 4.23
C VAL A 29 -8.53 -5.51 2.95
N HIS A 30 -7.76 -4.79 2.14
CA HIS A 30 -7.26 -5.34 0.88
C HIS A 30 -6.13 -6.34 1.14
N GLN A 31 -5.10 -5.88 1.84
CA GLN A 31 -3.96 -6.74 2.15
C GLN A 31 -4.40 -8.01 2.86
N ARG A 32 -5.53 -7.93 3.57
CA ARG A 32 -6.07 -9.07 4.29
C ARG A 32 -6.29 -10.26 3.36
N SER A 33 -6.52 -9.97 2.09
CA SER A 33 -6.76 -11.01 1.09
C SER A 33 -5.62 -11.04 0.07
N CYS A 34 -5.16 -9.86 -0.33
CA CYS A 34 -4.09 -9.75 -1.31
C CYS A 34 -2.88 -10.60 -0.89
N SER A 35 -2.70 -11.73 -1.56
CA SER A 35 -1.60 -12.62 -1.26
C SER A 35 -1.11 -13.33 -2.52
N GLN A 36 0.15 -13.10 -2.88
CA GLN A 36 0.72 -13.71 -4.07
C GLN A 36 2.19 -14.07 -3.84
N SER A 37 2.53 -15.34 -4.04
CA SER A 37 3.89 -15.81 -3.85
C SER A 37 4.64 -15.86 -5.18
N GLY A 38 4.01 -16.45 -6.18
CA GLY A 38 4.63 -16.56 -7.48
C GLY A 38 5.75 -17.59 -7.52
N PRO A 39 6.46 -17.66 -8.65
CA PRO A 39 7.56 -18.61 -8.84
C PRO A 39 8.79 -18.24 -8.02
N SER A 40 9.41 -19.24 -7.39
CA SER A 40 10.59 -19.01 -6.56
C SER A 40 11.83 -18.86 -7.44
N SER A 41 12.60 -17.81 -7.18
CA SER A 41 13.82 -17.54 -7.94
C SER A 41 15.04 -17.54 -7.03
N GLY A 42 16.18 -17.96 -7.58
CA GLY A 42 17.41 -18.00 -6.80
C GLY A 42 18.53 -18.68 -7.54
ZN ZN B . -2.71 -5.67 -3.23
N GLY A 1 15.94 14.84 11.36
CA GLY A 1 16.14 16.27 11.46
C GLY A 1 15.24 16.90 12.51
N SER A 2 14.82 18.14 12.26
CA SER A 2 13.96 18.86 13.20
C SER A 2 12.54 18.29 13.18
N SER A 3 11.92 18.26 14.35
CA SER A 3 10.57 17.73 14.49
C SER A 3 9.55 18.72 13.93
N GLY A 4 8.39 18.21 13.54
CA GLY A 4 7.34 19.06 13.00
C GLY A 4 6.13 18.27 12.54
N SER A 5 5.51 17.55 13.47
CA SER A 5 4.33 16.75 13.16
C SER A 5 3.06 17.58 13.31
N SER A 6 2.47 17.95 12.18
CA SER A 6 1.24 18.74 12.19
C SER A 6 0.08 17.95 11.58
N GLY A 7 0.41 17.06 10.64
CA GLY A 7 -0.61 16.25 10.00
C GLY A 7 -0.09 14.90 9.56
N GLY A 8 -0.53 14.46 8.37
CA GLY A 8 -0.09 13.18 7.85
C GLY A 8 -0.94 12.71 6.69
N GLU A 9 -1.22 13.61 5.76
CA GLU A 9 -2.04 13.27 4.59
C GLU A 9 -1.15 12.90 3.41
N THR A 10 -0.98 11.60 3.20
CA THR A 10 -0.15 11.11 2.10
C THR A 10 -0.83 9.95 1.39
N PRO A 11 -0.38 9.66 0.16
CA PRO A 11 -0.93 8.57 -0.66
C PRO A 11 -0.47 7.20 -0.17
N TYR A 12 -1.18 6.16 -0.59
CA TYR A 12 -0.85 4.80 -0.19
C TYR A 12 -0.65 3.91 -1.41
N LEU A 13 0.06 2.80 -1.23
CA LEU A 13 0.33 1.86 -2.31
C LEU A 13 0.57 0.45 -1.77
N CYS A 14 -0.15 -0.52 -2.33
CA CYS A 14 0.00 -1.91 -1.90
C CYS A 14 1.36 -2.46 -2.29
N GLY A 15 1.96 -3.24 -1.39
CA GLY A 15 3.26 -3.82 -1.66
C GLY A 15 3.17 -5.22 -2.25
N GLN A 16 2.06 -5.50 -2.92
CA GLN A 16 1.85 -6.81 -3.52
C GLN A 16 1.38 -6.68 -4.97
N CYS A 17 0.47 -5.74 -5.20
CA CYS A 17 -0.06 -5.50 -6.54
C CYS A 17 0.32 -4.12 -7.05
N GLY A 18 0.36 -3.15 -6.14
CA GLY A 18 0.71 -1.79 -6.52
C GLY A 18 -0.50 -0.92 -6.73
N LYS A 19 -1.59 -1.23 -6.03
CA LYS A 19 -2.82 -0.46 -6.14
C LYS A 19 -2.79 0.75 -5.21
N SER A 20 -3.46 1.82 -5.63
CA SER A 20 -3.50 3.05 -4.83
C SER A 20 -4.72 3.07 -3.92
N PHE A 21 -4.58 3.70 -2.76
CA PHE A 21 -5.68 3.79 -1.80
C PHE A 21 -5.67 5.14 -1.09
N THR A 22 -6.85 5.73 -0.94
CA THR A 22 -6.97 7.02 -0.29
C THR A 22 -7.21 6.85 1.22
N GLN A 23 -7.78 5.71 1.60
CA GLN A 23 -8.06 5.43 3.00
C GLN A 23 -7.15 4.33 3.53
N ARG A 24 -6.46 4.61 4.63
CA ARG A 24 -5.56 3.65 5.24
C ARG A 24 -6.28 2.34 5.54
N GLY A 25 -7.45 2.44 6.17
CA GLY A 25 -8.21 1.25 6.50
C GLY A 25 -8.45 0.36 5.30
N SER A 26 -8.55 0.97 4.12
CA SER A 26 -8.79 0.22 2.89
C SER A 26 -7.57 -0.64 2.54
N LEU A 27 -6.38 -0.06 2.66
CA LEU A 27 -5.14 -0.77 2.36
C LEU A 27 -4.98 -1.99 3.25
N ALA A 28 -5.31 -1.84 4.52
CA ALA A 28 -5.21 -2.94 5.48
C ALA A 28 -6.11 -4.11 5.07
N VAL A 29 -7.40 -3.85 5.00
CA VAL A 29 -8.36 -4.88 4.62
C VAL A 29 -7.99 -5.51 3.29
N HIS A 30 -7.43 -4.71 2.39
CA HIS A 30 -7.02 -5.19 1.08
C HIS A 30 -5.85 -6.18 1.20
N GLN A 31 -4.93 -5.88 2.11
CA GLN A 31 -3.77 -6.74 2.31
C GLN A 31 -4.20 -8.15 2.72
N ARG A 32 -5.37 -8.25 3.33
CA ARG A 32 -5.90 -9.54 3.76
C ARG A 32 -6.17 -10.45 2.57
N SER A 33 -7.01 -9.97 1.65
CA SER A 33 -7.36 -10.74 0.47
C SER A 33 -6.20 -10.77 -0.53
N CYS A 34 -5.39 -9.71 -0.51
CA CYS A 34 -4.26 -9.61 -1.41
C CYS A 34 -3.10 -10.48 -0.92
N SER A 35 -3.30 -11.79 -0.91
CA SER A 35 -2.29 -12.72 -0.47
C SER A 35 -1.98 -13.75 -1.54
N GLN A 36 -1.92 -13.30 -2.78
CA GLN A 36 -1.63 -14.18 -3.91
C GLN A 36 -0.14 -14.18 -4.25
N SER A 37 0.49 -13.02 -4.11
CA SER A 37 1.92 -12.88 -4.40
C SER A 37 2.75 -13.29 -3.19
N GLY A 38 2.95 -14.59 -3.03
CA GLY A 38 3.74 -15.08 -1.91
C GLY A 38 4.72 -16.15 -2.33
N PRO A 39 5.53 -16.63 -1.36
CA PRO A 39 6.53 -17.67 -1.61
C PRO A 39 5.91 -19.04 -1.85
N SER A 40 6.72 -19.98 -2.32
CA SER A 40 6.25 -21.33 -2.60
C SER A 40 6.33 -22.20 -1.35
N SER A 41 5.62 -23.32 -1.37
CA SER A 41 5.60 -24.25 -0.24
C SER A 41 6.46 -25.47 -0.53
N GLY A 42 7.47 -25.69 0.32
CA GLY A 42 8.35 -26.83 0.13
C GLY A 42 9.41 -26.59 -0.92
ZN ZN B . -2.79 -5.56 -3.25
N GLY A 1 13.49 19.33 -13.66
CA GLY A 1 12.18 19.02 -13.11
C GLY A 1 12.26 18.08 -11.93
N SER A 2 11.52 18.40 -10.87
CA SER A 2 11.51 17.58 -9.67
C SER A 2 10.08 17.38 -9.17
N SER A 3 9.74 16.14 -8.84
CA SER A 3 8.42 15.80 -8.34
C SER A 3 8.19 16.40 -6.95
N GLY A 4 7.24 17.32 -6.86
CA GLY A 4 6.95 17.96 -5.58
C GLY A 4 5.55 18.54 -5.54
N SER A 5 4.71 18.01 -4.66
CA SER A 5 3.34 18.48 -4.52
C SER A 5 3.06 18.95 -3.10
N SER A 6 1.85 19.44 -2.87
CA SER A 6 1.46 19.92 -1.55
C SER A 6 0.37 19.03 -0.94
N GLY A 7 0.60 18.59 0.29
CA GLY A 7 -0.36 17.74 0.97
C GLY A 7 0.02 17.45 2.40
N GLY A 8 -0.95 17.00 3.19
CA GLY A 8 -0.67 16.68 4.59
C GLY A 8 -0.28 15.23 4.79
N GLU A 9 -0.86 14.35 3.99
CA GLU A 9 -0.57 12.92 4.10
C GLU A 9 -0.18 12.35 2.73
N THR A 10 0.88 11.54 2.72
CA THR A 10 1.35 10.93 1.48
C THR A 10 0.41 9.82 1.02
N PRO A 11 0.52 9.46 -0.27
CA PRO A 11 -0.31 8.42 -0.87
C PRO A 11 0.09 7.01 -0.42
N TYR A 12 -0.82 6.07 -0.56
CA TYR A 12 -0.55 4.68 -0.16
C TYR A 12 -0.42 3.78 -1.40
N LEU A 13 0.23 2.65 -1.21
CA LEU A 13 0.43 1.70 -2.31
C LEU A 13 0.62 0.28 -1.78
N CYS A 14 -0.13 -0.66 -2.33
CA CYS A 14 -0.04 -2.06 -1.91
C CYS A 14 1.29 -2.67 -2.34
N GLY A 15 1.88 -3.46 -1.46
CA GLY A 15 3.15 -4.10 -1.77
C GLY A 15 2.97 -5.50 -2.35
N GLN A 16 1.80 -5.75 -2.93
CA GLN A 16 1.51 -7.06 -3.51
C GLN A 16 1.05 -6.92 -4.95
N CYS A 17 0.27 -5.88 -5.22
CA CYS A 17 -0.25 -5.64 -6.56
C CYS A 17 0.20 -4.27 -7.07
N GLY A 18 0.22 -3.29 -6.17
CA GLY A 18 0.62 -1.94 -6.54
C GLY A 18 -0.55 -1.00 -6.73
N LYS A 19 -1.64 -1.29 -6.02
CA LYS A 19 -2.85 -0.47 -6.12
C LYS A 19 -2.76 0.73 -5.18
N SER A 20 -3.39 1.83 -5.57
CA SER A 20 -3.38 3.04 -4.76
C SER A 20 -4.62 3.13 -3.88
N PHE A 21 -4.47 3.71 -2.70
CA PHE A 21 -5.58 3.85 -1.76
C PHE A 21 -5.52 5.21 -1.05
N THR A 22 -6.68 5.86 -0.97
CA THR A 22 -6.77 7.16 -0.32
C THR A 22 -7.00 7.01 1.17
N GLN A 23 -7.66 5.92 1.57
CA GLN A 23 -7.95 5.66 2.96
C GLN A 23 -6.94 4.68 3.57
N ARG A 24 -6.93 4.60 4.89
CA ARG A 24 -6.00 3.71 5.59
C ARG A 24 -6.60 2.31 5.71
N GLY A 25 -7.78 2.22 6.30
CA GLY A 25 -8.43 0.93 6.47
C GLY A 25 -8.54 0.17 5.17
N SER A 26 -8.72 0.88 4.07
CA SER A 26 -8.84 0.25 2.75
C SER A 26 -7.62 -0.60 2.45
N LEU A 27 -6.43 -0.02 2.61
CA LEU A 27 -5.19 -0.73 2.35
C LEU A 27 -5.06 -1.96 3.26
N ALA A 28 -5.57 -1.84 4.48
CA ALA A 28 -5.52 -2.93 5.44
C ALA A 28 -6.43 -4.08 5.02
N VAL A 29 -7.73 -3.80 4.93
CA VAL A 29 -8.70 -4.80 4.53
C VAL A 29 -8.32 -5.45 3.21
N HIS A 30 -7.60 -4.70 2.38
CA HIS A 30 -7.16 -5.21 1.08
C HIS A 30 -6.00 -6.18 1.24
N GLN A 31 -4.96 -5.75 1.92
CA GLN A 31 -3.78 -6.58 2.14
C GLN A 31 -4.17 -7.92 2.76
N ARG A 32 -5.27 -7.91 3.52
CA ARG A 32 -5.75 -9.13 4.18
C ARG A 32 -5.93 -10.26 3.17
N SER A 33 -6.71 -9.99 2.13
CA SER A 33 -6.97 -10.99 1.09
C SER A 33 -5.86 -10.99 0.06
N CYS A 34 -5.38 -9.80 -0.29
CA CYS A 34 -4.31 -9.66 -1.27
C CYS A 34 -3.08 -10.46 -0.86
N SER A 35 -2.64 -11.36 -1.74
CA SER A 35 -1.48 -12.20 -1.46
C SER A 35 -0.99 -12.88 -2.75
N GLN A 36 0.33 -12.93 -2.91
CA GLN A 36 0.92 -13.56 -4.08
C GLN A 36 2.10 -14.45 -3.69
N SER A 37 2.15 -15.65 -4.25
CA SER A 37 3.22 -16.59 -3.96
C SER A 37 3.83 -17.13 -5.24
N GLY A 38 4.85 -16.44 -5.74
CA GLY A 38 5.51 -16.86 -6.96
C GLY A 38 6.77 -16.06 -7.25
N PRO A 39 7.56 -16.52 -8.25
CA PRO A 39 8.80 -15.86 -8.64
C PRO A 39 8.62 -14.35 -8.84
N SER A 40 9.59 -13.57 -8.40
CA SER A 40 9.54 -12.12 -8.52
C SER A 40 10.89 -11.57 -8.98
N SER A 41 10.89 -10.91 -10.13
CA SER A 41 12.11 -10.33 -10.69
C SER A 41 11.96 -8.82 -10.88
N GLY A 42 12.42 -8.06 -9.90
CA GLY A 42 12.33 -6.62 -9.97
C GLY A 42 13.62 -5.93 -9.58
ZN ZN B . -2.89 -5.54 -3.28
N GLY A 1 13.34 28.28 -13.15
CA GLY A 1 12.88 28.56 -11.79
C GLY A 1 11.90 27.53 -11.29
N SER A 2 12.40 26.59 -10.48
CA SER A 2 11.55 25.54 -9.94
C SER A 2 11.80 25.37 -8.44
N SER A 3 10.88 24.68 -7.77
CA SER A 3 10.99 24.46 -6.33
C SER A 3 10.41 23.10 -5.94
N GLY A 4 10.81 22.60 -4.77
CA GLY A 4 10.32 21.32 -4.31
C GLY A 4 9.95 21.33 -2.84
N SER A 5 8.75 21.81 -2.53
CA SER A 5 8.29 21.89 -1.15
C SER A 5 7.13 20.94 -0.92
N SER A 6 7.17 19.78 -1.56
CA SER A 6 6.12 18.78 -1.43
C SER A 6 6.50 17.72 -0.42
N GLY A 7 5.68 17.59 0.63
CA GLY A 7 5.96 16.60 1.66
C GLY A 7 4.81 16.46 2.63
N GLY A 8 4.85 15.41 3.45
CA GLY A 8 3.80 15.18 4.43
C GLY A 8 2.79 14.15 3.96
N GLU A 9 1.51 14.54 3.96
CA GLU A 9 0.45 13.63 3.55
C GLU A 9 0.72 13.08 2.15
N THR A 10 0.98 11.78 2.08
CA THR A 10 1.26 11.12 0.81
C THR A 10 0.28 9.99 0.54
N PRO A 11 0.18 9.57 -0.73
CA PRO A 11 -0.72 8.49 -1.14
C PRO A 11 -0.20 7.12 -0.72
N TYR A 12 -1.10 6.13 -0.72
CA TYR A 12 -0.74 4.77 -0.33
C TYR A 12 -0.59 3.88 -1.56
N LEU A 13 0.13 2.78 -1.40
CA LEU A 13 0.35 1.84 -2.49
C LEU A 13 0.63 0.44 -1.96
N CYS A 14 -0.17 -0.52 -2.41
CA CYS A 14 -0.01 -1.91 -1.97
C CYS A 14 1.37 -2.45 -2.35
N GLY A 15 1.99 -3.19 -1.45
CA GLY A 15 3.29 -3.75 -1.71
C GLY A 15 3.22 -5.15 -2.26
N GLN A 16 2.13 -5.48 -2.94
CA GLN A 16 1.94 -6.79 -3.52
C GLN A 16 1.48 -6.70 -4.97
N CYS A 17 0.58 -5.75 -5.23
CA CYS A 17 0.06 -5.56 -6.58
C CYS A 17 0.41 -4.16 -7.10
N GLY A 18 0.35 -3.17 -6.21
CA GLY A 18 0.66 -1.81 -6.59
C GLY A 18 -0.58 -0.95 -6.75
N LYS A 19 -1.65 -1.33 -6.06
CA LYS A 19 -2.91 -0.59 -6.13
C LYS A 19 -2.86 0.66 -5.25
N SER A 20 -3.57 1.70 -5.67
CA SER A 20 -3.60 2.95 -4.92
C SER A 20 -4.84 3.03 -4.05
N PHE A 21 -4.76 3.79 -2.96
CA PHE A 21 -5.88 3.95 -2.04
C PHE A 21 -5.88 5.35 -1.43
N THR A 22 -6.87 5.61 -0.58
CA THR A 22 -6.99 6.91 0.07
C THR A 22 -7.00 6.77 1.59
N GLN A 23 -7.74 5.78 2.07
CA GLN A 23 -7.84 5.53 3.50
C GLN A 23 -6.85 4.45 3.94
N ARG A 24 -6.39 4.54 5.18
CA ARG A 24 -5.44 3.57 5.72
C ARG A 24 -6.09 2.20 5.86
N GLY A 25 -7.37 2.19 6.23
CA GLY A 25 -8.10 0.95 6.41
C GLY A 25 -8.25 0.19 5.11
N SER A 26 -8.52 0.91 4.03
CA SER A 26 -8.70 0.29 2.72
C SER A 26 -7.51 -0.58 2.36
N LEU A 27 -6.31 -0.05 2.57
CA LEU A 27 -5.09 -0.78 2.27
C LEU A 27 -4.97 -2.03 3.14
N ALA A 28 -5.45 -1.93 4.38
CA ALA A 28 -5.40 -3.05 5.31
C ALA A 28 -6.32 -4.18 4.85
N VAL A 29 -7.61 -3.89 4.78
CA VAL A 29 -8.60 -4.88 4.36
C VAL A 29 -8.23 -5.49 3.02
N HIS A 30 -7.50 -4.72 2.20
CA HIS A 30 -7.07 -5.20 0.89
C HIS A 30 -5.96 -6.23 1.02
N GLN A 31 -4.96 -5.92 1.84
CA GLN A 31 -3.83 -6.81 2.05
C GLN A 31 -4.31 -8.19 2.51
N ARG A 32 -5.48 -8.22 3.16
CA ARG A 32 -6.04 -9.47 3.65
C ARG A 32 -6.24 -10.46 2.52
N SER A 33 -6.96 -10.03 1.49
CA SER A 33 -7.23 -10.90 0.34
C SER A 33 -6.04 -10.90 -0.62
N CYS A 34 -5.38 -9.76 -0.76
CA CYS A 34 -4.23 -9.64 -1.65
C CYS A 34 -3.13 -10.60 -1.23
N SER A 35 -3.10 -10.93 0.06
CA SER A 35 -2.07 -11.84 0.59
C SER A 35 -2.41 -13.28 0.26
N GLN A 36 -2.47 -13.60 -1.03
CA GLN A 36 -2.78 -14.94 -1.48
C GLN A 36 -1.59 -15.57 -2.22
N SER A 37 -0.97 -14.78 -3.10
CA SER A 37 0.17 -15.25 -3.86
C SER A 37 1.11 -14.09 -4.19
N GLY A 38 2.21 -14.41 -4.87
CA GLY A 38 3.17 -13.39 -5.24
C GLY A 38 3.23 -13.15 -6.74
N PRO A 39 3.86 -12.04 -7.13
CA PRO A 39 3.99 -11.67 -8.55
C PRO A 39 5.00 -12.54 -9.30
N SER A 40 6.00 -13.03 -8.56
CA SER A 40 7.04 -13.86 -9.15
C SER A 40 6.42 -15.03 -9.91
N SER A 41 6.58 -15.01 -11.23
CA SER A 41 6.03 -16.05 -12.09
C SER A 41 7.14 -16.98 -12.59
N GLY A 42 7.06 -18.26 -12.22
CA GLY A 42 8.06 -19.21 -12.64
C GLY A 42 9.26 -19.25 -11.71
ZN ZN B . -2.70 -5.56 -3.31
N GLY A 1 13.28 12.86 -16.02
CA GLY A 1 12.60 14.08 -15.63
C GLY A 1 12.78 14.40 -14.15
N SER A 2 12.66 15.68 -13.80
CA SER A 2 12.80 16.12 -12.43
C SER A 2 11.51 15.91 -11.65
N SER A 3 11.61 15.20 -10.53
CA SER A 3 10.44 14.92 -9.69
C SER A 3 10.85 14.79 -8.23
N GLY A 4 10.37 15.73 -7.41
CA GLY A 4 10.69 15.71 -6.00
C GLY A 4 9.45 15.84 -5.12
N SER A 5 9.67 15.96 -3.81
CA SER A 5 8.57 16.08 -2.87
C SER A 5 9.07 16.48 -1.49
N SER A 6 8.32 17.34 -0.81
CA SER A 6 8.70 17.80 0.52
C SER A 6 8.34 16.76 1.58
N GLY A 7 7.04 16.54 1.77
CA GLY A 7 6.60 15.57 2.75
C GLY A 7 5.14 15.77 3.15
N GLY A 8 4.79 15.30 4.34
CA GLY A 8 3.43 15.44 4.81
C GLY A 8 2.54 14.29 4.40
N GLU A 9 1.28 14.59 4.07
CA GLU A 9 0.32 13.57 3.66
C GLU A 9 0.68 13.03 2.28
N THR A 10 0.89 11.71 2.20
CA THR A 10 1.23 11.07 0.94
C THR A 10 0.25 9.95 0.62
N PRO A 11 0.22 9.53 -0.66
CA PRO A 11 -0.66 8.47 -1.13
C PRO A 11 -0.17 7.08 -0.70
N TYR A 12 -1.09 6.13 -0.62
CA TYR A 12 -0.74 4.77 -0.22
C TYR A 12 -0.57 3.87 -1.45
N LEU A 13 0.13 2.76 -1.26
CA LEU A 13 0.37 1.82 -2.35
C LEU A 13 0.63 0.42 -1.80
N CYS A 14 -0.18 -0.54 -2.24
CA CYS A 14 -0.05 -1.93 -1.79
C CYS A 14 1.32 -2.49 -2.18
N GLY A 15 1.91 -3.27 -1.28
CA GLY A 15 3.21 -3.85 -1.54
C GLY A 15 3.11 -5.26 -2.11
N GLN A 16 2.02 -5.53 -2.82
CA GLN A 16 1.81 -6.85 -3.41
C GLN A 16 1.37 -6.72 -4.87
N CYS A 17 0.48 -5.76 -5.14
CA CYS A 17 -0.02 -5.54 -6.49
C CYS A 17 0.35 -4.15 -6.98
N GLY A 18 0.30 -3.17 -6.07
CA GLY A 18 0.62 -1.80 -6.43
C GLY A 18 -0.60 -0.94 -6.62
N LYS A 19 -1.68 -1.29 -5.93
CA LYS A 19 -2.93 -0.54 -6.02
C LYS A 19 -2.90 0.69 -5.12
N SER A 20 -3.58 1.75 -5.54
CA SER A 20 -3.63 2.99 -4.77
C SER A 20 -4.84 3.01 -3.85
N PHE A 21 -4.67 3.60 -2.67
CA PHE A 21 -5.76 3.70 -1.70
C PHE A 21 -5.77 5.06 -1.02
N THR A 22 -6.91 5.72 -1.04
CA THR A 22 -7.06 7.04 -0.44
C THR A 22 -7.13 6.93 1.09
N GLN A 23 -7.68 5.82 1.57
CA GLN A 23 -7.82 5.60 3.01
C GLN A 23 -6.83 4.55 3.49
N ARG A 24 -6.25 4.78 4.67
CA ARG A 24 -5.29 3.85 5.24
C ARG A 24 -5.96 2.56 5.67
N GLY A 25 -7.23 2.66 6.04
CA GLY A 25 -7.98 1.48 6.47
C GLY A 25 -8.32 0.56 5.32
N SER A 26 -8.53 1.13 4.15
CA SER A 26 -8.87 0.35 2.96
C SER A 26 -7.71 -0.55 2.55
N LEU A 27 -6.49 -0.03 2.68
CA LEU A 27 -5.29 -0.78 2.32
C LEU A 27 -5.16 -2.04 3.19
N ALA A 28 -5.49 -1.90 4.47
CA ALA A 28 -5.42 -3.02 5.40
C ALA A 28 -6.34 -4.15 4.98
N VAL A 29 -7.65 -3.86 4.91
CA VAL A 29 -8.63 -4.84 4.52
C VAL A 29 -8.25 -5.51 3.21
N HIS A 30 -7.56 -4.76 2.34
CA HIS A 30 -7.13 -5.29 1.05
C HIS A 30 -6.03 -6.33 1.23
N GLN A 31 -4.99 -5.97 1.98
CA GLN A 31 -3.88 -6.87 2.21
C GLN A 31 -4.37 -8.23 2.73
N ARG A 32 -5.48 -8.21 3.44
CA ARG A 32 -6.06 -9.44 3.99
C ARG A 32 -6.25 -10.48 2.89
N SER A 33 -6.93 -10.10 1.81
CA SER A 33 -7.18 -10.99 0.70
C SER A 33 -6.00 -11.04 -0.26
N CYS A 34 -5.41 -9.86 -0.52
CA CYS A 34 -4.27 -9.75 -1.41
C CYS A 34 -3.13 -10.65 -0.94
N SER A 35 -2.97 -11.80 -1.59
CA SER A 35 -1.92 -12.74 -1.24
C SER A 35 -0.89 -12.84 -2.36
N GLN A 36 -1.32 -12.58 -3.59
CA GLN A 36 -0.44 -12.65 -4.74
C GLN A 36 0.65 -11.59 -4.65
N SER A 37 1.89 -12.03 -4.49
CA SER A 37 3.02 -11.12 -4.38
C SER A 37 3.49 -10.67 -5.77
N GLY A 38 3.72 -11.64 -6.65
CA GLY A 38 4.16 -11.34 -8.00
C GLY A 38 5.61 -11.73 -8.23
N PRO A 39 6.17 -11.30 -9.37
CA PRO A 39 7.56 -11.60 -9.74
C PRO A 39 8.56 -10.80 -8.91
N SER A 40 9.67 -11.45 -8.56
CA SER A 40 10.70 -10.79 -7.77
C SER A 40 11.29 -9.60 -8.51
N SER A 41 10.91 -8.41 -8.09
CA SER A 41 11.39 -7.18 -8.71
C SER A 41 11.82 -6.16 -7.65
N GLY A 42 13.03 -5.62 -7.81
CA GLY A 42 13.54 -4.65 -6.87
C GLY A 42 12.77 -3.33 -6.92
ZN ZN B . -2.70 -5.63 -3.23
N GLY A 1 12.27 24.13 -2.38
CA GLY A 1 10.91 23.60 -2.34
C GLY A 1 10.88 22.11 -2.08
N SER A 2 11.08 21.73 -0.82
CA SER A 2 11.08 20.32 -0.43
C SER A 2 10.25 20.10 0.83
N SER A 3 9.82 18.87 1.04
CA SER A 3 9.01 18.52 2.21
C SER A 3 9.70 18.98 3.49
N GLY A 4 9.16 20.02 4.11
CA GLY A 4 9.72 20.54 5.34
C GLY A 4 8.67 20.85 6.38
N SER A 5 8.11 22.05 6.31
CA SER A 5 7.09 22.48 7.26
C SER A 5 5.71 22.55 6.59
N SER A 6 5.49 21.65 5.63
CA SER A 6 4.22 21.62 4.90
C SER A 6 3.96 20.22 4.34
N GLY A 7 2.80 19.65 4.65
CA GLY A 7 2.45 18.34 4.17
C GLY A 7 1.00 18.01 4.38
N GLY A 8 0.72 16.78 4.82
CA GLY A 8 -0.64 16.36 5.06
C GLY A 8 -0.86 14.90 4.74
N GLU A 9 -2.09 14.55 4.38
CA GLU A 9 -2.44 13.17 4.05
C GLU A 9 -1.67 12.70 2.82
N THR A 10 -0.86 11.66 3.00
CA THR A 10 -0.06 11.11 1.91
C THR A 10 -0.79 9.96 1.23
N PRO A 11 -0.36 9.63 0.00
CA PRO A 11 -0.95 8.53 -0.77
C PRO A 11 -0.53 7.16 -0.25
N TYR A 12 -1.27 6.12 -0.65
CA TYR A 12 -0.98 4.76 -0.23
C TYR A 12 -0.68 3.87 -1.43
N LEU A 13 -0.01 2.75 -1.17
CA LEU A 13 0.33 1.81 -2.23
C LEU A 13 0.51 0.41 -1.67
N CYS A 14 -0.25 -0.54 -2.20
CA CYS A 14 -0.17 -1.93 -1.76
C CYS A 14 1.17 -2.54 -2.13
N GLY A 15 1.74 -3.32 -1.21
CA GLY A 15 3.02 -3.96 -1.46
C GLY A 15 2.87 -5.37 -1.99
N GLN A 16 1.74 -5.64 -2.63
CA GLN A 16 1.48 -6.96 -3.20
C GLN A 16 1.10 -6.87 -4.67
N CYS A 17 0.33 -5.83 -5.02
CA CYS A 17 -0.10 -5.62 -6.39
C CYS A 17 0.39 -4.28 -6.92
N GLY A 18 0.32 -3.25 -6.07
CA GLY A 18 0.75 -1.94 -6.47
C GLY A 18 -0.40 -0.99 -6.72
N LYS A 19 -1.56 -1.31 -6.13
CA LYS A 19 -2.74 -0.48 -6.31
C LYS A 19 -2.64 0.80 -5.46
N SER A 20 -3.66 1.64 -5.56
CA SER A 20 -3.68 2.90 -4.82
C SER A 20 -4.82 2.91 -3.80
N PHE A 21 -4.67 3.73 -2.77
CA PHE A 21 -5.68 3.83 -1.73
C PHE A 21 -5.67 5.21 -1.08
N THR A 22 -6.85 5.77 -0.84
CA THR A 22 -6.97 7.08 -0.23
C THR A 22 -6.98 6.99 1.29
N GLN A 23 -7.45 5.85 1.80
CA GLN A 23 -7.52 5.64 3.25
C GLN A 23 -6.65 4.46 3.66
N ARG A 24 -6.01 4.58 4.81
CA ARG A 24 -5.13 3.52 5.32
C ARG A 24 -5.94 2.26 5.62
N GLY A 25 -7.22 2.44 5.92
CA GLY A 25 -8.08 1.31 6.23
C GLY A 25 -8.32 0.42 5.03
N SER A 26 -8.71 1.02 3.91
CA SER A 26 -8.97 0.27 2.69
C SER A 26 -7.79 -0.61 2.33
N LEU A 27 -6.58 -0.09 2.51
CA LEU A 27 -5.37 -0.84 2.21
C LEU A 27 -5.22 -2.04 3.12
N ALA A 28 -5.62 -1.87 4.38
CA ALA A 28 -5.55 -2.96 5.35
C ALA A 28 -6.44 -4.13 4.96
N VAL A 29 -7.74 -3.87 4.86
CA VAL A 29 -8.71 -4.91 4.49
C VAL A 29 -8.33 -5.54 3.16
N HIS A 30 -7.62 -4.78 2.32
CA HIS A 30 -7.20 -5.28 1.02
C HIS A 30 -6.03 -6.24 1.16
N GLN A 31 -4.98 -5.80 1.84
CA GLN A 31 -3.79 -6.63 2.04
C GLN A 31 -4.16 -7.96 2.67
N ARG A 32 -5.26 -7.97 3.43
CA ARG A 32 -5.71 -9.18 4.09
C ARG A 32 -5.88 -10.32 3.09
N SER A 33 -6.72 -10.10 2.09
CA SER A 33 -6.97 -11.11 1.06
C SER A 33 -5.90 -11.06 -0.02
N CYS A 34 -5.43 -9.86 -0.33
CA CYS A 34 -4.39 -9.68 -1.34
C CYS A 34 -3.17 -10.53 -1.03
N SER A 35 -2.99 -11.62 -1.77
CA SER A 35 -1.87 -12.52 -1.56
C SER A 35 -0.69 -12.11 -2.45
N GLN A 36 0.43 -12.81 -2.30
CA GLN A 36 1.62 -12.54 -3.08
C GLN A 36 1.47 -13.06 -4.51
N SER A 37 1.88 -12.24 -5.47
CA SER A 37 1.79 -12.62 -6.88
C SER A 37 3.13 -13.14 -7.39
N GLY A 38 3.17 -13.51 -8.67
CA GLY A 38 4.39 -14.02 -9.26
C GLY A 38 5.57 -13.07 -9.06
N PRO A 39 5.59 -11.97 -9.83
CA PRO A 39 6.65 -10.96 -9.76
C PRO A 39 6.55 -10.12 -8.50
N SER A 40 7.71 -9.73 -7.96
CA SER A 40 7.76 -8.92 -6.75
C SER A 40 9.13 -8.25 -6.60
N SER A 41 9.15 -7.13 -5.90
CA SER A 41 10.39 -6.40 -5.69
C SER A 41 10.18 -5.25 -4.70
N GLY A 42 11.27 -4.60 -4.31
CA GLY A 42 11.18 -3.48 -3.38
C GLY A 42 11.36 -3.93 -1.94
ZN ZN B . -2.92 -5.48 -3.24
N GLY A 1 15.99 8.62 9.15
CA GLY A 1 15.31 9.86 9.50
C GLY A 1 13.87 9.89 9.04
N SER A 2 12.97 9.40 9.88
CA SER A 2 11.55 9.37 9.55
C SER A 2 10.81 10.51 10.24
N SER A 3 10.13 11.34 9.44
CA SER A 3 9.38 12.47 9.97
C SER A 3 7.93 12.10 10.20
N GLY A 4 7.21 12.95 10.93
CA GLY A 4 5.81 12.69 11.21
C GLY A 4 4.92 12.90 10.01
N SER A 5 5.34 13.79 9.11
CA SER A 5 4.57 14.08 7.91
C SER A 5 3.15 14.53 8.26
N SER A 6 3.04 15.38 9.27
CA SER A 6 1.75 15.88 9.71
C SER A 6 1.36 17.14 8.95
N GLY A 7 0.06 17.43 8.91
CA GLY A 7 -0.41 18.60 8.20
C GLY A 7 -0.66 18.33 6.74
N GLY A 8 -1.16 17.14 6.43
CA GLY A 8 -1.43 16.78 5.05
C GLY A 8 -1.30 15.30 4.79
N GLU A 9 -2.44 14.62 4.63
CA GLU A 9 -2.43 13.18 4.39
C GLU A 9 -1.51 12.82 3.21
N THR A 10 -1.17 11.55 3.11
CA THR A 10 -0.29 11.08 2.05
C THR A 10 -0.92 9.92 1.29
N PRO A 11 -0.41 9.65 0.08
CA PRO A 11 -0.92 8.57 -0.78
C PRO A 11 -0.46 7.20 -0.28
N TYR A 12 -1.20 6.17 -0.69
CA TYR A 12 -0.88 4.80 -0.29
C TYR A 12 -0.59 3.94 -1.51
N LEU A 13 0.09 2.81 -1.28
CA LEU A 13 0.43 1.89 -2.36
C LEU A 13 0.62 0.47 -1.83
N CYS A 14 -0.15 -0.47 -2.35
CA CYS A 14 -0.07 -1.86 -1.93
C CYS A 14 1.28 -2.46 -2.32
N GLY A 15 1.87 -3.23 -1.42
CA GLY A 15 3.15 -3.86 -1.70
C GLY A 15 3.00 -5.26 -2.25
N GLN A 16 1.85 -5.53 -2.87
CA GLN A 16 1.59 -6.85 -3.45
C GLN A 16 1.18 -6.73 -4.91
N CYS A 17 0.41 -5.70 -5.22
CA CYS A 17 -0.06 -5.48 -6.58
C CYS A 17 0.42 -4.13 -7.11
N GLY A 18 0.39 -3.12 -6.24
CA GLY A 18 0.82 -1.79 -6.64
C GLY A 18 -0.34 -0.85 -6.87
N LYS A 19 -1.49 -1.16 -6.29
CA LYS A 19 -2.68 -0.34 -6.44
C LYS A 19 -2.58 0.92 -5.59
N SER A 20 -3.61 1.77 -5.66
CA SER A 20 -3.64 3.00 -4.88
C SER A 20 -4.78 2.97 -3.87
N PHE A 21 -4.64 3.78 -2.82
CA PHE A 21 -5.65 3.84 -1.77
C PHE A 21 -5.65 5.22 -1.10
N THR A 22 -6.82 5.67 -0.67
CA THR A 22 -6.96 6.96 -0.01
C THR A 22 -7.13 6.79 1.49
N GLN A 23 -7.65 5.64 1.90
CA GLN A 23 -7.87 5.37 3.32
C GLN A 23 -6.95 4.26 3.80
N ARG A 24 -6.21 4.55 4.87
CA ARG A 24 -5.28 3.57 5.44
C ARG A 24 -5.99 2.24 5.73
N GLY A 25 -7.22 2.33 6.22
CA GLY A 25 -7.98 1.14 6.54
C GLY A 25 -8.25 0.30 5.31
N SER A 26 -8.56 0.95 4.19
CA SER A 26 -8.85 0.25 2.95
C SER A 26 -7.70 -0.67 2.56
N LEU A 27 -6.50 -0.11 2.50
CA LEU A 27 -5.31 -0.88 2.14
C LEU A 27 -5.18 -2.13 3.01
N ALA A 28 -5.47 -1.98 4.30
CA ALA A 28 -5.39 -3.09 5.24
C ALA A 28 -6.29 -4.24 4.79
N VAL A 29 -7.60 -4.00 4.77
CA VAL A 29 -8.56 -5.01 4.37
C VAL A 29 -8.19 -5.61 3.02
N HIS A 30 -7.54 -4.83 2.18
CA HIS A 30 -7.12 -5.29 0.86
C HIS A 30 -5.97 -6.28 0.97
N GLN A 31 -4.95 -5.92 1.74
CA GLN A 31 -3.78 -6.77 1.93
C GLN A 31 -4.21 -8.15 2.44
N ARG A 32 -5.34 -8.19 3.13
CA ARG A 32 -5.85 -9.44 3.67
C ARG A 32 -6.05 -10.48 2.58
N SER A 33 -6.88 -10.13 1.59
CA SER A 33 -7.16 -11.03 0.48
C SER A 33 -6.04 -10.99 -0.55
N CYS A 34 -5.44 -9.82 -0.72
CA CYS A 34 -4.35 -9.64 -1.67
C CYS A 34 -3.18 -10.55 -1.33
N SER A 35 -3.04 -10.87 -0.05
CA SER A 35 -1.96 -11.73 0.42
C SER A 35 -2.49 -13.04 0.97
N GLN A 36 -1.62 -14.04 1.06
CA GLN A 36 -2.01 -15.34 1.58
C GLN A 36 -0.92 -15.92 2.47
N SER A 37 -1.29 -16.91 3.28
CA SER A 37 -0.35 -17.54 4.20
C SER A 37 -0.73 -18.99 4.45
N GLY A 38 0.27 -19.84 4.62
CA GLY A 38 0.02 -21.26 4.88
C GLY A 38 0.18 -22.10 3.64
N PRO A 39 1.42 -22.23 3.15
CA PRO A 39 1.73 -23.01 1.96
C PRO A 39 1.61 -24.51 2.21
N SER A 40 1.64 -25.29 1.13
CA SER A 40 1.53 -26.74 1.22
C SER A 40 2.80 -27.34 1.82
N SER A 41 2.83 -27.43 3.14
CA SER A 41 3.99 -27.99 3.84
C SER A 41 3.84 -29.49 4.04
N GLY A 42 4.44 -30.26 3.16
CA GLY A 42 4.36 -31.71 3.25
C GLY A 42 4.48 -32.40 1.91
ZN ZN B . -2.82 -5.51 -3.38
#